data_1CDO
#
_entry.id   1CDO
#
_cell.length_a   102.950
_cell.length_b   47.600
_cell.length_c   80.430
_cell.angle_alpha   90.00
_cell.angle_beta   104.66
_cell.angle_gamma   90.00
#
_symmetry.space_group_name_H-M   'P 1 21 1'
#
loop_
_entity.id
_entity.type
_entity.pdbx_description
1 polymer 'ALCOHOL DEHYDROGENASE'
2 non-polymer 'ZINC ION'
3 non-polymer NICOTINAMIDE-ADENINE-DINUCLEOTIDE
4 water water
#
_entity_poly.entity_id   1
_entity_poly.type   'polypeptide(L)'
_entity_poly.pdbx_seq_one_letter_code
;ATVGKVIKCKAAVAWEANKPLVIEEIEVDVPHANEIRIKIIATGVCHTDLYHLFEGKHKDGFPVVLGHEGAGIVESVGPG
VTEFQPGEKVIPLFISQCGECRFCQSPKTNQCVKGWANESPDVMSPKETRFTCKGRKVLQFLGTSTFSQYTVVNQIAVAK
IDPSAPLDTVCLLGCGVSTGFGAAVNTAKVEPGSTCAVFGLGAVGLAAVMGCHSAGAKRIIAVDLNPDKFEKAKVFGATD
FVNPNDHSEPISQVLSKMTNGGVDFSLECVGNVGVMRNALESCLKGWGVSVLVGWTDLHDVATRPIQLIAGRTWKGSMFG
GFKGKDGVPKMVKAYLDKKVKLDEFITHRMPLESVNDAIDLMKHGKCIRTVLSL
;
_entity_poly.pdbx_strand_id   A,B
#
# COMPACT_ATOMS: atom_id res chain seq x y z
N ALA A 1 -39.70 3.11 -34.00
CA ALA A 1 -40.88 2.19 -33.88
C ALA A 1 -41.06 1.65 -32.46
N THR A 2 -40.07 1.90 -31.60
CA THR A 2 -40.09 1.44 -30.22
C THR A 2 -40.10 2.57 -29.20
N VAL A 3 -39.72 3.76 -29.64
CA VAL A 3 -39.66 4.93 -28.77
C VAL A 3 -40.99 5.19 -28.07
N GLY A 4 -40.92 5.43 -26.77
CA GLY A 4 -42.12 5.72 -25.98
C GLY A 4 -42.92 4.49 -25.64
N LYS A 5 -42.42 3.33 -26.02
CA LYS A 5 -43.10 2.08 -25.77
C LYS A 5 -42.22 1.12 -24.99
N VAL A 6 -42.86 0.19 -24.28
CA VAL A 6 -42.16 -0.84 -23.53
C VAL A 6 -41.68 -1.81 -24.62
N ILE A 7 -40.48 -2.35 -24.46
CA ILE A 7 -39.92 -3.27 -25.44
C ILE A 7 -39.92 -4.70 -24.91
N LYS A 8 -40.30 -5.63 -25.76
CA LYS A 8 -40.30 -7.05 -25.43
C LYS A 8 -39.10 -7.54 -26.22
N CYS A 9 -38.19 -8.25 -25.58
CA CYS A 9 -37.00 -8.75 -26.26
C CYS A 9 -36.41 -9.94 -25.52
N LYS A 10 -35.33 -10.50 -26.07
CA LYS A 10 -34.66 -11.64 -25.49
C LYS A 10 -33.53 -11.21 -24.55
N ALA A 11 -33.40 -11.90 -23.43
CA ALA A 11 -32.35 -11.65 -22.44
C ALA A 11 -32.04 -12.96 -21.72
N ALA A 12 -30.78 -13.16 -21.34
CA ALA A 12 -30.39 -14.37 -20.60
C ALA A 12 -30.59 -14.04 -19.12
N VAL A 13 -31.58 -14.67 -18.51
CA VAL A 13 -31.93 -14.44 -17.11
C VAL A 13 -31.46 -15.54 -16.17
N ALA A 14 -30.89 -15.14 -15.05
CA ALA A 14 -30.43 -16.08 -14.02
C ALA A 14 -31.44 -15.97 -12.87
N TRP A 15 -32.37 -16.93 -12.81
CA TRP A 15 -33.40 -16.95 -11.78
C TRP A 15 -32.88 -17.14 -10.37
N GLU A 16 -31.78 -17.85 -10.23
CA GLU A 16 -31.18 -18.07 -8.93
C GLU A 16 -29.72 -18.45 -9.09
N ALA A 17 -28.99 -18.41 -7.98
CA ALA A 17 -27.57 -18.72 -7.99
C ALA A 17 -27.37 -20.17 -8.40
N ASN A 18 -26.14 -20.45 -8.83
CA ASN A 18 -25.69 -21.78 -9.21
C ASN A 18 -26.52 -22.54 -10.26
N LYS A 19 -27.44 -21.85 -10.94
CA LYS A 19 -28.29 -22.48 -11.96
C LYS A 19 -27.92 -21.99 -13.37
N PRO A 20 -28.11 -22.85 -14.40
CA PRO A 20 -27.79 -22.40 -15.77
C PRO A 20 -28.74 -21.29 -16.17
N LEU A 21 -28.28 -20.38 -17.03
CA LEU A 21 -29.11 -19.26 -17.48
C LEU A 21 -30.20 -19.70 -18.46
N VAL A 22 -31.28 -18.93 -18.54
CA VAL A 22 -32.40 -19.24 -19.42
C VAL A 22 -32.72 -18.06 -20.34
N ILE A 23 -32.77 -18.30 -21.65
CA ILE A 23 -33.10 -17.26 -22.61
C ILE A 23 -34.59 -17.00 -22.44
N GLU A 24 -34.93 -15.80 -21.99
CA GLU A 24 -36.31 -15.42 -21.76
C GLU A 24 -36.71 -14.18 -22.55
N GLU A 25 -38.01 -13.98 -22.67
CA GLU A 25 -38.54 -12.79 -23.33
C GLU A 25 -38.91 -11.91 -22.15
N ILE A 26 -38.25 -10.76 -22.06
CA ILE A 26 -38.49 -9.81 -20.99
C ILE A 26 -39.07 -8.51 -21.56
N GLU A 27 -39.57 -7.67 -20.67
CA GLU A 27 -40.10 -6.35 -21.03
C GLU A 27 -39.09 -5.34 -20.51
N VAL A 28 -38.69 -4.41 -21.37
CA VAL A 28 -37.74 -3.39 -21.01
C VAL A 28 -38.55 -2.10 -20.98
N ASP A 29 -38.63 -1.49 -19.81
CA ASP A 29 -39.40 -0.26 -19.63
C ASP A 29 -38.76 0.91 -20.39
N VAL A 30 -39.49 1.99 -20.51
CA VAL A 30 -38.99 3.19 -21.19
C VAL A 30 -38.00 3.88 -20.24
N PRO A 31 -36.93 4.50 -20.80
CA PRO A 31 -35.93 5.19 -19.98
C PRO A 31 -36.48 6.36 -19.17
N HIS A 32 -36.18 6.34 -17.87
CA HIS A 32 -36.63 7.40 -16.97
C HIS A 32 -35.70 8.59 -17.13
N ALA A 33 -35.86 9.58 -16.25
CA ALA A 33 -35.03 10.79 -16.30
C ALA A 33 -33.53 10.46 -16.27
N ASN A 34 -32.77 11.12 -17.14
CA ASN A 34 -31.31 10.95 -17.27
C ASN A 34 -30.84 9.55 -17.64
N GLU A 35 -31.71 8.74 -18.25
CA GLU A 35 -31.36 7.37 -18.65
C GLU A 35 -31.25 7.17 -20.15
N ILE A 36 -30.52 6.14 -20.56
CA ILE A 36 -30.32 5.82 -21.98
C ILE A 36 -30.78 4.38 -22.25
N ARG A 37 -31.59 4.16 -23.28
CA ARG A 37 -32.00 2.80 -23.64
C ARG A 37 -31.10 2.44 -24.82
N ILE A 38 -30.36 1.34 -24.66
CA ILE A 38 -29.38 0.89 -25.64
C ILE A 38 -29.60 -0.49 -26.25
N LYS A 39 -29.45 -0.59 -27.56
CA LYS A 39 -29.56 -1.88 -28.24
C LYS A 39 -28.13 -2.47 -28.22
N ILE A 40 -27.93 -3.53 -27.44
CA ILE A 40 -26.63 -4.18 -27.33
C ILE A 40 -26.31 -5.03 -28.57
N ILE A 41 -25.20 -4.72 -29.23
CA ILE A 41 -24.76 -5.44 -30.43
C ILE A 41 -23.77 -6.58 -30.10
N ALA A 42 -23.00 -6.41 -29.03
CA ALA A 42 -22.01 -7.42 -28.63
C ALA A 42 -21.63 -7.25 -27.17
N THR A 43 -21.34 -8.35 -26.49
CA THR A 43 -20.93 -8.32 -25.09
C THR A 43 -19.99 -9.50 -24.75
N GLY A 44 -18.87 -9.18 -24.09
CA GLY A 44 -17.95 -10.21 -23.69
C GLY A 44 -18.44 -10.83 -22.40
N VAL A 45 -17.83 -11.92 -21.97
CA VAL A 45 -18.20 -12.58 -20.73
C VAL A 45 -16.99 -12.40 -19.81
N CYS A 46 -17.19 -11.84 -18.62
CA CYS A 46 -16.09 -11.62 -17.66
C CYS A 46 -16.20 -12.59 -16.48
N HIS A 47 -15.10 -12.82 -15.77
CA HIS A 47 -15.16 -13.73 -14.62
C HIS A 47 -16.00 -13.18 -13.47
N THR A 48 -16.19 -11.87 -13.42
CA THR A 48 -17.00 -11.25 -12.37
C THR A 48 -18.47 -11.68 -12.50
N ASP A 49 -18.88 -11.99 -13.74
CA ASP A 49 -20.25 -12.46 -13.99
C ASP A 49 -20.37 -13.82 -13.28
N LEU A 50 -19.33 -14.64 -13.41
CA LEU A 50 -19.34 -15.96 -12.78
C LEU A 50 -19.29 -15.84 -11.26
N TYR A 51 -18.49 -14.91 -10.75
CA TYR A 51 -18.35 -14.72 -9.31
C TYR A 51 -19.71 -14.61 -8.60
N HIS A 52 -20.58 -13.74 -9.10
CA HIS A 52 -21.90 -13.56 -8.51
C HIS A 52 -22.74 -14.85 -8.61
N LEU A 53 -22.72 -15.46 -9.78
CA LEU A 53 -23.48 -16.67 -10.07
C LEU A 53 -23.03 -17.93 -9.32
N PHE A 54 -21.72 -18.09 -9.15
CA PHE A 54 -21.17 -19.27 -8.51
C PHE A 54 -20.50 -19.08 -7.15
N GLU A 55 -19.80 -17.96 -6.96
CA GLU A 55 -19.07 -17.69 -5.71
C GLU A 55 -19.81 -16.88 -4.64
N GLY A 56 -20.04 -15.60 -4.91
CA GLY A 56 -20.73 -14.74 -3.95
C GLY A 56 -22.15 -15.19 -3.72
N LYS A 57 -22.89 -15.34 -4.81
CA LYS A 57 -24.29 -15.79 -4.76
C LYS A 57 -25.16 -15.07 -3.73
N HIS A 58 -25.02 -13.76 -3.62
CA HIS A 58 -25.83 -13.02 -2.65
C HIS A 58 -27.30 -13.34 -2.87
N LYS A 59 -27.97 -13.77 -1.81
CA LYS A 59 -29.36 -14.20 -1.87
C LYS A 59 -30.41 -13.19 -2.33
N ASP A 60 -30.16 -11.89 -2.10
CA ASP A 60 -31.11 -10.87 -2.52
C ASP A 60 -30.77 -10.35 -3.92
N GLY A 61 -29.73 -10.93 -4.53
CA GLY A 61 -29.31 -10.49 -5.84
C GLY A 61 -29.83 -11.29 -7.02
N PHE A 62 -30.92 -12.02 -6.82
CA PHE A 62 -31.54 -12.84 -7.86
C PHE A 62 -33.05 -12.61 -7.79
N PRO A 63 -33.76 -12.73 -8.92
CA PRO A 63 -33.27 -13.06 -10.27
C PRO A 63 -32.52 -11.88 -10.92
N VAL A 64 -31.64 -12.17 -11.88
CA VAL A 64 -30.85 -11.10 -12.51
C VAL A 64 -30.34 -11.39 -13.92
N VAL A 65 -30.15 -10.32 -14.68
CA VAL A 65 -29.57 -10.43 -16.03
C VAL A 65 -28.13 -9.92 -15.85
N LEU A 66 -27.16 -10.81 -16.06
CA LEU A 66 -25.75 -10.49 -15.91
C LEU A 66 -25.24 -9.75 -17.16
N GLY A 67 -23.94 -9.49 -17.21
CA GLY A 67 -23.34 -8.80 -18.35
C GLY A 67 -22.95 -7.36 -18.03
N HIS A 68 -21.70 -7.00 -18.34
CA HIS A 68 -21.18 -5.66 -18.07
C HIS A 68 -19.94 -5.32 -18.92
N GLU A 69 -19.90 -5.84 -20.14
CA GLU A 69 -18.77 -5.62 -21.05
C GLU A 69 -19.31 -5.59 -22.49
N GLY A 70 -20.29 -4.72 -22.72
CA GLY A 70 -20.90 -4.62 -24.03
C GLY A 70 -20.68 -3.31 -24.74
N ALA A 71 -21.24 -3.21 -25.94
CA ALA A 71 -21.16 -2.00 -26.78
C ALA A 71 -22.41 -1.96 -27.67
N GLY A 72 -23.01 -0.79 -27.82
CA GLY A 72 -24.21 -0.69 -28.62
C GLY A 72 -24.51 0.66 -29.24
N ILE A 73 -25.76 0.78 -29.68
CA ILE A 73 -26.29 1.96 -30.35
C ILE A 73 -27.47 2.51 -29.54
N VAL A 74 -27.49 3.83 -29.33
CA VAL A 74 -28.57 4.45 -28.56
C VAL A 74 -29.88 4.23 -29.30
N GLU A 75 -30.92 3.84 -28.58
CA GLU A 75 -32.23 3.62 -29.17
C GLU A 75 -33.17 4.79 -28.84
N SER A 76 -33.12 5.27 -27.60
CA SER A 76 -33.91 6.42 -27.16
C SER A 76 -33.37 6.91 -25.82
N VAL A 77 -33.64 8.17 -25.49
CA VAL A 77 -33.15 8.75 -24.24
C VAL A 77 -34.28 9.31 -23.38
N GLY A 78 -34.07 9.31 -22.06
CA GLY A 78 -35.07 9.82 -21.16
C GLY A 78 -34.98 11.33 -21.03
N PRO A 79 -35.95 11.96 -20.34
CA PRO A 79 -35.88 13.41 -20.20
C PRO A 79 -34.60 13.89 -19.53
N GLY A 80 -34.21 15.12 -19.83
CA GLY A 80 -32.98 15.68 -19.27
C GLY A 80 -31.71 15.25 -19.97
N VAL A 81 -31.83 14.46 -21.03
CA VAL A 81 -30.64 14.01 -21.74
C VAL A 81 -30.40 14.80 -23.01
N THR A 82 -29.20 15.34 -23.15
CA THR A 82 -28.85 16.12 -24.34
C THR A 82 -27.53 15.69 -24.98
N GLU A 83 -26.76 14.86 -24.26
CA GLU A 83 -25.48 14.39 -24.76
C GLU A 83 -25.62 13.25 -25.76
N PHE A 84 -26.62 12.40 -25.57
CA PHE A 84 -26.84 11.27 -26.45
C PHE A 84 -28.11 11.39 -27.29
N GLN A 85 -28.05 10.87 -28.51
CA GLN A 85 -29.19 10.84 -29.43
C GLN A 85 -29.18 9.50 -30.18
N PRO A 86 -30.36 9.01 -30.60
CA PRO A 86 -30.49 7.73 -31.32
C PRO A 86 -29.52 7.49 -32.48
N GLY A 87 -28.97 6.29 -32.51
CA GLY A 87 -28.03 5.93 -33.56
C GLY A 87 -26.55 6.12 -33.21
N GLU A 88 -26.25 6.76 -32.09
CA GLU A 88 -24.85 6.97 -31.71
C GLU A 88 -24.28 5.73 -31.02
N LYS A 89 -22.99 5.48 -31.23
CA LYS A 89 -22.31 4.33 -30.64
C LYS A 89 -21.87 4.61 -29.21
N VAL A 90 -22.19 3.69 -28.29
CA VAL A 90 -21.83 3.86 -26.89
C VAL A 90 -21.37 2.58 -26.20
N ILE A 91 -20.83 2.75 -25.00
CA ILE A 91 -20.35 1.64 -24.15
C ILE A 91 -20.80 1.91 -22.72
N PRO A 92 -21.71 1.08 -22.18
CA PRO A 92 -22.18 1.26 -20.80
C PRO A 92 -21.03 0.95 -19.82
N LEU A 93 -21.11 1.50 -18.61
CA LEU A 93 -20.06 1.32 -17.61
C LEU A 93 -20.59 0.82 -16.24
N PHE A 94 -19.79 0.00 -15.57
CA PHE A 94 -20.19 -0.53 -14.27
C PHE A 94 -19.89 0.40 -13.08
N ILE A 95 -19.28 1.56 -13.37
CA ILE A 95 -18.96 2.58 -12.37
C ILE A 95 -19.43 3.92 -12.91
N SER A 96 -19.81 4.84 -12.01
CA SER A 96 -20.31 6.15 -12.40
C SER A 96 -19.31 7.32 -12.40
N GLN A 97 -19.68 8.39 -13.09
CA GLN A 97 -18.88 9.62 -13.16
C GLN A 97 -19.84 10.79 -13.28
N CYS A 98 -20.45 11.18 -12.16
CA CYS A 98 -21.40 12.30 -12.13
C CYS A 98 -20.76 13.63 -12.47
N GLY A 99 -19.42 13.69 -12.41
CA GLY A 99 -18.72 14.92 -12.72
C GLY A 99 -18.89 16.10 -11.78
N GLU A 100 -19.70 15.98 -10.73
CA GLU A 100 -19.86 17.12 -9.81
C GLU A 100 -19.40 16.89 -8.36
N CYS A 101 -19.20 15.64 -7.96
CA CYS A 101 -18.78 15.37 -6.57
C CYS A 101 -17.26 15.53 -6.38
N ARG A 102 -16.83 15.51 -5.13
CA ARG A 102 -15.41 15.67 -4.77
C ARG A 102 -14.47 14.64 -5.41
N PHE A 103 -14.96 13.41 -5.59
CA PHE A 103 -14.15 12.36 -6.16
C PHE A 103 -13.95 12.51 -7.67
N CYS A 104 -15.02 12.89 -8.38
CA CYS A 104 -14.99 13.07 -9.83
C CYS A 104 -14.11 14.27 -10.19
N GLN A 105 -14.03 15.22 -9.27
CA GLN A 105 -13.24 16.42 -9.48
C GLN A 105 -11.74 16.26 -9.23
N SER A 106 -11.36 15.19 -8.54
CA SER A 106 -9.95 14.95 -8.25
C SER A 106 -9.24 14.08 -9.28
N PRO A 107 -8.02 14.47 -9.68
CA PRO A 107 -7.27 13.67 -10.66
C PRO A 107 -6.66 12.43 -10.01
N LYS A 108 -6.84 12.29 -8.70
CA LYS A 108 -6.28 11.15 -7.96
C LYS A 108 -7.13 9.88 -7.97
N THR A 109 -8.39 9.97 -8.39
CA THR A 109 -9.26 8.80 -8.31
C THR A 109 -10.32 8.71 -9.41
N ASN A 110 -10.98 7.56 -9.49
CA ASN A 110 -12.06 7.34 -10.45
C ASN A 110 -13.33 6.99 -9.66
N GLN A 111 -13.33 7.37 -8.38
CA GLN A 111 -14.46 7.12 -7.50
C GLN A 111 -15.56 8.15 -7.77
N CYS A 112 -16.74 7.90 -7.22
CA CYS A 112 -17.88 8.78 -7.37
C CYS A 112 -18.83 8.49 -6.21
N VAL A 113 -19.79 9.39 -5.99
CA VAL A 113 -20.75 9.16 -4.92
C VAL A 113 -22.02 8.46 -5.40
N LYS A 114 -22.15 8.27 -6.72
CA LYS A 114 -23.32 7.61 -7.30
C LYS A 114 -23.04 6.18 -7.76
N GLY A 115 -24.12 5.42 -8.02
CA GLY A 115 -23.98 4.07 -8.48
C GLY A 115 -24.46 2.99 -7.54
N TRP A 116 -24.69 1.80 -8.08
CA TRP A 116 -25.14 0.65 -7.31
C TRP A 116 -24.22 0.37 -6.13
N ALA A 117 -22.92 0.56 -6.33
CA ALA A 117 -21.95 0.31 -5.27
C ALA A 117 -22.19 1.17 -4.03
N ASN A 118 -22.65 2.41 -4.22
CA ASN A 118 -22.92 3.30 -3.11
C ASN A 118 -24.31 3.15 -2.48
N GLU A 119 -25.05 2.13 -2.88
CA GLU A 119 -26.39 1.91 -2.35
C GLU A 119 -26.66 0.44 -2.06
N SER A 120 -26.33 -0.41 -3.03
CA SER A 120 -26.52 -1.85 -2.93
C SER A 120 -25.25 -2.58 -3.38
N PRO A 121 -24.14 -2.41 -2.65
CA PRO A 121 -22.88 -3.07 -3.01
C PRO A 121 -22.88 -4.59 -2.90
N ASP A 122 -23.40 -5.12 -1.80
CA ASP A 122 -23.47 -6.57 -1.59
C ASP A 122 -24.36 -7.30 -2.57
N VAL A 123 -25.40 -6.62 -3.02
CA VAL A 123 -26.35 -7.19 -3.96
C VAL A 123 -25.77 -7.27 -5.38
N MET A 124 -24.85 -6.35 -5.69
CA MET A 124 -24.18 -6.25 -7.00
C MET A 124 -25.10 -5.71 -8.10
N SER A 125 -26.21 -5.09 -7.68
CA SER A 125 -27.20 -4.50 -8.59
C SER A 125 -27.92 -3.34 -7.92
N PRO A 126 -28.32 -2.31 -8.72
CA PRO A 126 -29.04 -1.15 -8.15
C PRO A 126 -30.36 -1.64 -7.60
N LYS A 127 -31.02 -0.81 -6.79
CA LYS A 127 -32.29 -1.18 -6.19
C LYS A 127 -33.41 -1.10 -7.23
N GLU A 128 -33.22 -0.22 -8.22
CA GLU A 128 -34.20 -0.04 -9.26
C GLU A 128 -33.83 -0.81 -10.52
N THR A 129 -34.86 -1.28 -11.21
CA THR A 129 -34.64 -2.02 -12.43
C THR A 129 -35.72 -1.73 -13.47
N ARG A 130 -35.32 -1.84 -14.73
CA ARG A 130 -36.22 -1.59 -15.86
C ARG A 130 -36.65 -2.90 -16.51
N PHE A 131 -36.22 -4.04 -15.94
CA PHE A 131 -36.56 -5.36 -16.48
C PHE A 131 -37.69 -6.06 -15.72
N THR A 132 -38.59 -6.70 -16.48
CA THR A 132 -39.71 -7.46 -15.95
C THR A 132 -39.81 -8.74 -16.78
N CYS A 133 -40.23 -9.83 -16.12
CA CYS A 133 -40.37 -11.13 -16.81
C CYS A 133 -41.34 -12.01 -16.03
N LYS A 134 -42.41 -12.45 -16.69
CA LYS A 134 -43.42 -13.30 -16.06
C LYS A 134 -43.99 -12.55 -14.85
N GLY A 135 -44.26 -11.26 -15.03
CA GLY A 135 -44.79 -10.46 -13.94
C GLY A 135 -43.86 -10.31 -12.74
N ARG A 136 -42.64 -10.82 -12.89
CA ARG A 136 -41.59 -10.77 -11.85
C ARG A 136 -40.54 -9.72 -12.23
N LYS A 137 -40.10 -8.92 -11.24
CA LYS A 137 -39.08 -7.90 -11.49
C LYS A 137 -37.74 -8.62 -11.57
N VAL A 138 -36.87 -8.20 -12.49
CA VAL A 138 -35.56 -8.82 -12.63
C VAL A 138 -34.47 -7.75 -12.55
N LEU A 139 -33.51 -7.93 -11.65
CA LEU A 139 -32.41 -6.97 -11.45
C LEU A 139 -31.41 -6.86 -12.62
N GLN A 140 -30.75 -5.70 -12.73
CA GLN A 140 -29.76 -5.41 -13.76
C GLN A 140 -28.37 -5.40 -13.15
N PHE A 141 -27.59 -6.44 -13.43
CA PHE A 141 -26.24 -6.58 -12.89
C PHE A 141 -25.40 -5.32 -13.11
N LEU A 142 -24.84 -4.80 -12.01
CA LEU A 142 -23.99 -3.61 -12.03
C LEU A 142 -24.58 -2.38 -12.72
N GLY A 143 -25.90 -2.39 -12.93
CA GLY A 143 -26.55 -1.29 -13.60
C GLY A 143 -26.30 -1.28 -15.11
N THR A 144 -25.64 -2.32 -15.62
CA THR A 144 -25.34 -2.42 -17.04
C THR A 144 -26.16 -3.51 -17.76
N SER A 145 -26.24 -4.69 -17.16
CA SER A 145 -26.97 -5.85 -17.69
C SER A 145 -26.91 -5.99 -19.22
N THR A 146 -25.72 -6.34 -19.72
CA THR A 146 -25.50 -6.48 -21.15
C THR A 146 -25.94 -7.78 -21.84
N PHE A 147 -26.36 -8.79 -21.07
CA PHE A 147 -26.83 -10.06 -21.63
C PHE A 147 -28.31 -9.91 -22.06
N SER A 148 -28.63 -8.79 -22.71
CA SER A 148 -29.98 -8.51 -23.15
C SER A 148 -29.87 -7.72 -24.44
N GLN A 149 -30.84 -7.92 -25.33
CA GLN A 149 -30.85 -7.22 -26.59
C GLN A 149 -30.93 -5.72 -26.35
N TYR A 150 -31.64 -5.35 -25.29
CA TYR A 150 -31.81 -3.95 -24.92
C TYR A 150 -31.61 -3.76 -23.42
N THR A 151 -30.89 -2.71 -23.05
CA THR A 151 -30.66 -2.38 -21.63
C THR A 151 -30.90 -0.89 -21.42
N VAL A 152 -31.01 -0.49 -20.15
CA VAL A 152 -31.23 0.90 -19.81
C VAL A 152 -30.19 1.26 -18.74
N VAL A 153 -29.40 2.27 -19.01
CA VAL A 153 -28.35 2.69 -18.09
C VAL A 153 -28.38 4.21 -17.90
N ASN A 154 -28.08 4.67 -16.68
CA ASN A 154 -28.06 6.12 -16.42
C ASN A 154 -26.92 6.72 -17.23
N GLN A 155 -27.12 7.92 -17.75
CA GLN A 155 -26.12 8.60 -18.58
C GLN A 155 -24.73 8.80 -17.98
N ILE A 156 -24.62 8.96 -16.66
CA ILE A 156 -23.30 9.16 -16.04
C ILE A 156 -22.49 7.87 -16.06
N ALA A 157 -23.14 6.77 -16.44
CA ALA A 157 -22.49 5.47 -16.54
C ALA A 157 -22.45 5.01 -18.01
N VAL A 158 -22.38 5.95 -18.95
CA VAL A 158 -22.32 5.60 -20.36
C VAL A 158 -21.33 6.49 -21.07
N ALA A 159 -20.47 5.90 -21.89
CA ALA A 159 -19.48 6.64 -22.66
C ALA A 159 -19.82 6.61 -24.15
N LYS A 160 -19.78 7.79 -24.79
CA LYS A 160 -20.05 7.89 -26.23
C LYS A 160 -18.71 7.66 -26.93
N ILE A 161 -18.73 6.96 -28.05
CA ILE A 161 -17.48 6.64 -28.76
C ILE A 161 -17.46 6.98 -30.26
N ASP A 162 -16.28 6.85 -30.87
CA ASP A 162 -16.09 7.13 -32.30
C ASP A 162 -17.11 6.41 -33.19
N PRO A 163 -17.77 7.17 -34.10
CA PRO A 163 -18.78 6.69 -35.05
C PRO A 163 -18.36 5.54 -35.95
N SER A 164 -17.07 5.37 -36.18
CA SER A 164 -16.58 4.30 -37.03
C SER A 164 -16.00 3.11 -36.25
N ALA A 165 -16.27 3.05 -34.95
CA ALA A 165 -15.76 1.97 -34.10
C ALA A 165 -16.46 0.63 -34.27
N PRO A 166 -15.68 -0.46 -34.39
CA PRO A 166 -16.31 -1.77 -34.55
C PRO A 166 -16.87 -2.30 -33.22
N LEU A 167 -18.18 -2.21 -33.05
CA LEU A 167 -18.87 -2.64 -31.82
C LEU A 167 -18.61 -4.07 -31.38
N ASP A 168 -18.31 -4.93 -32.33
CA ASP A 168 -18.06 -6.34 -32.03
C ASP A 168 -16.69 -6.60 -31.39
N THR A 169 -15.87 -5.55 -31.27
CA THR A 169 -14.53 -5.69 -30.68
C THR A 169 -14.31 -4.69 -29.53
N VAL A 170 -14.72 -3.43 -29.74
CA VAL A 170 -14.52 -2.40 -28.72
C VAL A 170 -15.29 -2.66 -27.42
N CYS A 171 -16.22 -3.62 -27.46
CA CYS A 171 -17.01 -3.96 -26.27
C CYS A 171 -16.11 -4.41 -25.12
N LEU A 172 -14.91 -4.87 -25.47
CA LEU A 172 -13.92 -5.31 -24.48
C LEU A 172 -13.54 -4.17 -23.53
N LEU A 173 -13.65 -2.94 -24.03
CA LEU A 173 -13.34 -1.73 -23.26
C LEU A 173 -14.35 -1.46 -22.15
N GLY A 174 -15.47 -2.18 -22.22
CA GLY A 174 -16.52 -2.05 -21.23
C GLY A 174 -16.05 -2.52 -19.85
N CYS A 175 -15.02 -3.37 -19.84
CA CYS A 175 -14.47 -3.86 -18.57
C CYS A 175 -13.03 -4.39 -18.63
N GLY A 176 -12.90 -5.66 -19.02
CA GLY A 176 -11.62 -6.36 -19.08
C GLY A 176 -10.35 -5.67 -19.53
N VAL A 177 -10.32 -5.18 -20.76
CA VAL A 177 -9.13 -4.53 -21.29
C VAL A 177 -8.78 -3.19 -20.62
N SER A 178 -9.78 -2.38 -20.29
CA SER A 178 -9.51 -1.11 -19.61
C SER A 178 -9.02 -1.37 -18.21
N THR A 179 -9.58 -2.41 -17.60
CA THR A 179 -9.19 -2.77 -16.24
C THR A 179 -7.72 -3.16 -16.15
N GLY A 180 -7.31 -4.17 -16.92
CA GLY A 180 -5.94 -4.64 -16.90
C GLY A 180 -4.90 -3.60 -17.30
N PHE A 181 -5.07 -3.06 -18.49
CA PHE A 181 -4.20 -2.03 -19.05
C PHE A 181 -4.09 -0.84 -18.08
N GLY A 182 -5.26 -0.38 -17.63
CA GLY A 182 -5.32 0.75 -16.73
C GLY A 182 -4.60 0.51 -15.40
N ALA A 183 -4.77 -0.69 -14.85
CA ALA A 183 -4.12 -1.02 -13.58
C ALA A 183 -2.60 -0.87 -13.65
N ALA A 184 -2.03 -1.10 -14.83
CA ALA A 184 -0.60 -1.01 -15.07
C ALA A 184 -0.16 0.45 -15.24
N VAL A 185 -0.77 1.12 -16.21
CA VAL A 185 -0.48 2.49 -16.56
C VAL A 185 -0.94 3.54 -15.54
N ASN A 186 -2.19 3.45 -15.07
CA ASN A 186 -2.76 4.41 -14.13
C ASN A 186 -2.52 4.14 -12.63
N THR A 187 -2.78 2.92 -12.20
CA THR A 187 -2.63 2.55 -10.80
C THR A 187 -1.19 2.26 -10.35
N ALA A 188 -0.50 1.34 -11.02
CA ALA A 188 0.88 1.02 -10.66
C ALA A 188 1.88 2.06 -11.14
N LYS A 189 1.57 2.69 -12.26
CA LYS A 189 2.43 3.69 -12.86
C LYS A 189 3.80 3.12 -13.25
N VAL A 190 3.75 2.03 -14.01
CA VAL A 190 4.93 1.34 -14.50
C VAL A 190 5.82 2.34 -15.24
N GLU A 191 7.12 2.24 -15.02
CA GLU A 191 8.08 3.16 -15.62
C GLU A 191 8.93 2.55 -16.74
N PRO A 192 9.36 3.37 -17.70
CA PRO A 192 10.20 2.87 -18.80
C PRO A 192 11.50 2.28 -18.28
N GLY A 193 11.83 1.07 -18.73
CA GLY A 193 13.05 0.40 -18.32
C GLY A 193 12.94 -0.43 -17.06
N SER A 194 11.74 -0.46 -16.47
CA SER A 194 11.52 -1.21 -15.24
C SER A 194 11.20 -2.69 -15.46
N THR A 195 11.08 -3.44 -14.36
CA THR A 195 10.77 -4.87 -14.40
C THR A 195 9.41 -5.08 -13.73
N CYS A 196 8.55 -5.87 -14.37
CA CYS A 196 7.21 -6.16 -13.88
C CYS A 196 6.87 -7.66 -13.88
N ALA A 197 5.81 -8.02 -13.15
CA ALA A 197 5.32 -9.39 -13.08
C ALA A 197 3.79 -9.37 -13.00
N VAL A 198 3.13 -10.11 -13.90
CA VAL A 198 1.68 -10.19 -13.93
C VAL A 198 1.20 -11.60 -13.56
N PHE A 199 0.40 -11.70 -12.51
CA PHE A 199 -0.13 -12.98 -12.07
C PHE A 199 -1.55 -13.22 -12.59
N GLY A 200 -1.71 -14.27 -13.39
CA GLY A 200 -2.99 -14.60 -13.97
C GLY A 200 -3.02 -14.08 -15.38
N LEU A 201 -3.25 -14.98 -16.33
CA LEU A 201 -3.27 -14.60 -17.73
C LEU A 201 -4.59 -14.77 -18.50
N GLY A 202 -5.66 -14.21 -17.95
CA GLY A 202 -6.95 -14.23 -18.63
C GLY A 202 -6.95 -12.90 -19.36
N ALA A 203 -8.10 -12.38 -19.78
CA ALA A 203 -8.11 -11.09 -20.49
C ALA A 203 -7.58 -9.92 -19.63
N VAL A 204 -7.90 -9.91 -18.34
CA VAL A 204 -7.42 -8.84 -17.46
C VAL A 204 -5.90 -8.89 -17.29
N GLY A 205 -5.37 -10.08 -17.08
CA GLY A 205 -3.93 -10.23 -16.95
C GLY A 205 -3.22 -9.92 -18.26
N LEU A 206 -3.76 -10.38 -19.37
CA LEU A 206 -3.16 -10.14 -20.69
C LEU A 206 -3.15 -8.65 -21.05
N ALA A 207 -4.17 -7.93 -20.58
CA ALA A 207 -4.26 -6.49 -20.82
C ALA A 207 -3.23 -5.79 -19.92
N ALA A 208 -2.99 -6.35 -18.74
CA ALA A 208 -2.01 -5.79 -17.82
C ALA A 208 -0.62 -5.92 -18.47
N VAL A 209 -0.39 -7.05 -19.12
CA VAL A 209 0.88 -7.28 -19.80
C VAL A 209 1.08 -6.20 -20.88
N MET A 210 0.03 -5.96 -21.65
CA MET A 210 0.04 -4.97 -22.72
C MET A 210 0.38 -3.58 -22.16
N GLY A 211 -0.24 -3.22 -21.04
CA GLY A 211 0.03 -1.94 -20.40
C GLY A 211 1.48 -1.78 -19.99
N CYS A 212 2.04 -2.84 -19.42
CA CYS A 212 3.46 -2.82 -19.02
C CYS A 212 4.31 -2.57 -20.25
N HIS A 213 3.93 -3.21 -21.36
CA HIS A 213 4.67 -3.06 -22.61
C HIS A 213 4.57 -1.61 -23.12
N SER A 214 3.37 -1.04 -23.10
CA SER A 214 3.15 0.33 -23.57
C SER A 214 3.95 1.34 -22.76
N ALA A 215 4.01 1.13 -21.44
CA ALA A 215 4.74 2.00 -20.52
C ALA A 215 6.27 1.90 -20.72
N GLY A 216 6.72 0.93 -21.50
CA GLY A 216 8.13 0.76 -21.79
C GLY A 216 8.99 -0.07 -20.85
N ALA A 217 8.37 -1.01 -20.14
CA ALA A 217 9.06 -1.88 -19.20
C ALA A 217 10.10 -2.72 -19.94
N LYS A 218 11.23 -2.96 -19.29
CA LYS A 218 12.29 -3.73 -19.91
C LYS A 218 12.07 -5.22 -19.78
N ARG A 219 11.40 -5.67 -18.71
CA ARG A 219 11.15 -7.10 -18.52
C ARG A 219 9.76 -7.31 -17.94
N ILE A 220 8.97 -8.20 -18.55
CA ILE A 220 7.62 -8.48 -18.11
C ILE A 220 7.48 -10.00 -17.98
N ILE A 221 7.33 -10.46 -16.74
CA ILE A 221 7.23 -11.88 -16.45
C ILE A 221 5.77 -12.29 -16.30
N ALA A 222 5.35 -13.24 -17.13
CA ALA A 222 3.97 -13.75 -17.11
C ALA A 222 3.89 -14.99 -16.20
N VAL A 223 2.95 -15.00 -15.26
CA VAL A 223 2.83 -16.13 -14.34
C VAL A 223 1.42 -16.76 -14.36
N ASP A 224 1.36 -18.05 -14.64
CA ASP A 224 0.07 -18.76 -14.69
C ASP A 224 0.30 -20.27 -14.50
N LEU A 225 -0.65 -20.93 -13.84
CA LEU A 225 -0.58 -22.38 -13.61
C LEU A 225 -0.87 -23.14 -14.93
N ASN A 226 -1.62 -22.49 -15.81
CA ASN A 226 -2.00 -23.03 -17.12
C ASN A 226 -1.08 -22.44 -18.19
N PRO A 227 -0.07 -23.21 -18.60
CA PRO A 227 0.93 -22.83 -19.60
C PRO A 227 0.40 -22.56 -21.01
N ASP A 228 -0.87 -22.89 -21.27
CA ASP A 228 -1.45 -22.65 -22.59
C ASP A 228 -1.61 -21.16 -22.87
N LYS A 229 -1.59 -20.35 -21.81
CA LYS A 229 -1.74 -18.90 -21.95
C LYS A 229 -0.45 -18.16 -22.33
N PHE A 230 0.69 -18.83 -22.22
CA PHE A 230 1.98 -18.21 -22.51
C PHE A 230 2.15 -17.66 -23.93
N GLU A 231 1.55 -18.34 -24.90
CA GLU A 231 1.59 -17.95 -26.30
C GLU A 231 1.01 -16.54 -26.50
N LYS A 232 -0.16 -16.30 -25.92
CA LYS A 232 -0.85 -15.00 -26.01
C LYS A 232 -0.10 -13.96 -25.17
N ALA A 233 0.51 -14.40 -24.07
CA ALA A 233 1.26 -13.47 -23.22
C ALA A 233 2.41 -12.90 -24.06
N LYS A 234 3.02 -13.76 -24.87
CA LYS A 234 4.12 -13.35 -25.74
C LYS A 234 3.60 -12.39 -26.80
N VAL A 235 2.42 -12.68 -27.33
CA VAL A 235 1.79 -11.83 -28.33
C VAL A 235 1.63 -10.41 -27.77
N PHE A 236 1.24 -10.31 -26.50
CA PHE A 236 1.04 -9.03 -25.86
C PHE A 236 2.28 -8.32 -25.28
N GLY A 237 3.47 -8.88 -25.51
CA GLY A 237 4.69 -8.24 -25.04
C GLY A 237 5.48 -8.82 -23.88
N ALA A 238 5.12 -9.99 -23.38
CA ALA A 238 5.86 -10.60 -22.27
C ALA A 238 7.25 -11.07 -22.66
N THR A 239 8.19 -10.98 -21.74
CA THR A 239 9.54 -11.40 -22.03
C THR A 239 9.92 -12.72 -21.36
N ASP A 240 9.25 -13.05 -20.26
CA ASP A 240 9.52 -14.27 -19.52
C ASP A 240 8.22 -14.99 -19.22
N PHE A 241 8.31 -16.29 -18.97
CA PHE A 241 7.12 -17.10 -18.74
C PHE A 241 7.40 -18.08 -17.62
N VAL A 242 6.58 -18.05 -16.57
CA VAL A 242 6.76 -18.93 -15.43
C VAL A 242 5.48 -19.64 -15.00
N ASN A 243 5.56 -20.95 -14.89
CA ASN A 243 4.44 -21.76 -14.41
C ASN A 243 4.86 -22.17 -13.01
N PRO A 244 4.10 -21.73 -11.98
CA PRO A 244 4.42 -22.07 -10.58
C PRO A 244 4.66 -23.57 -10.32
N ASN A 245 3.88 -24.41 -10.98
CA ASN A 245 3.99 -25.87 -10.80
C ASN A 245 5.34 -26.49 -11.17
N ASP A 246 6.14 -25.78 -11.95
CA ASP A 246 7.46 -26.26 -12.36
C ASP A 246 8.56 -25.93 -11.36
N HIS A 247 8.19 -25.42 -10.19
CA HIS A 247 9.18 -25.07 -9.19
C HIS A 247 8.74 -25.54 -7.82
N SER A 248 9.71 -26.08 -7.09
CA SER A 248 9.49 -26.49 -5.73
C SER A 248 9.35 -25.33 -4.77
N GLU A 249 10.14 -24.27 -4.96
CA GLU A 249 10.13 -23.05 -4.09
C GLU A 249 8.89 -22.26 -4.30
N PRO A 250 8.47 -21.51 -3.31
CA PRO A 250 7.29 -20.66 -3.40
C PRO A 250 7.54 -19.72 -4.53
N ILE A 251 6.49 -19.34 -5.25
CA ILE A 251 6.63 -18.46 -6.41
C ILE A 251 7.41 -17.14 -6.16
N SER A 252 7.20 -16.53 -5.00
CA SER A 252 7.87 -15.28 -4.65
C SER A 252 9.39 -15.43 -4.66
N GLN A 253 9.87 -16.61 -4.26
CA GLN A 253 11.29 -16.88 -4.22
C GLN A 253 11.86 -17.09 -5.61
N VAL A 254 11.06 -17.68 -6.50
CA VAL A 254 11.49 -17.91 -7.87
C VAL A 254 11.74 -16.56 -8.51
N LEU A 255 10.74 -15.68 -8.41
CA LEU A 255 10.84 -14.35 -8.98
C LEU A 255 11.99 -13.54 -8.40
N SER A 256 12.13 -13.54 -7.08
CA SER A 256 13.22 -12.80 -6.45
C SER A 256 14.56 -13.27 -7.02
N LYS A 257 14.77 -14.58 -7.06
CA LYS A 257 16.01 -15.13 -7.60
C LYS A 257 16.25 -14.70 -9.04
N MET A 258 15.17 -14.64 -9.83
CA MET A 258 15.25 -14.25 -11.23
C MET A 258 15.65 -12.80 -11.42
N THR A 259 15.35 -11.97 -10.42
CA THR A 259 15.62 -10.54 -10.50
C THR A 259 16.66 -9.96 -9.53
N ASN A 260 17.19 -10.78 -8.65
CA ASN A 260 18.19 -10.33 -7.67
C ASN A 260 17.50 -9.49 -6.59
N GLY A 261 16.35 -9.96 -6.10
CA GLY A 261 15.66 -9.23 -5.05
C GLY A 261 14.16 -9.07 -5.16
N GLY A 262 13.66 -8.91 -6.39
CA GLY A 262 12.23 -8.76 -6.60
C GLY A 262 11.99 -7.79 -7.74
N VAL A 263 10.79 -7.80 -8.29
CA VAL A 263 10.49 -6.90 -9.40
C VAL A 263 10.09 -5.50 -8.92
N ASP A 264 10.13 -4.53 -9.83
CA ASP A 264 9.76 -3.15 -9.52
C ASP A 264 8.25 -2.98 -9.37
N PHE A 265 7.49 -3.63 -10.24
CA PHE A 265 6.04 -3.55 -10.23
C PHE A 265 5.43 -4.93 -10.43
N SER A 266 4.31 -5.19 -9.77
CA SER A 266 3.60 -6.47 -9.92
C SER A 266 2.10 -6.24 -9.87
N LEU A 267 1.33 -7.17 -10.46
CA LEU A 267 -0.12 -7.06 -10.49
C LEU A 267 -0.80 -8.41 -10.37
N GLU A 268 -1.77 -8.50 -9.49
CA GLU A 268 -2.53 -9.74 -9.31
C GLU A 268 -3.83 -9.62 -10.10
N CYS A 269 -4.10 -10.58 -10.99
CA CYS A 269 -5.30 -10.54 -11.81
C CYS A 269 -5.99 -11.90 -11.84
N VAL A 270 -6.29 -12.43 -10.66
CA VAL A 270 -6.93 -13.75 -10.50
C VAL A 270 -8.20 -13.72 -9.63
N GLY A 271 -8.10 -13.05 -8.48
CA GLY A 271 -9.22 -12.99 -7.55
C GLY A 271 -9.01 -13.99 -6.42
N ASN A 272 -7.75 -14.30 -6.11
CA ASN A 272 -7.42 -15.25 -5.06
C ASN A 272 -6.53 -14.57 -4.03
N VAL A 273 -6.96 -14.53 -2.77
CA VAL A 273 -6.18 -13.87 -1.71
C VAL A 273 -4.77 -14.41 -1.52
N GLY A 274 -4.56 -15.70 -1.79
CA GLY A 274 -3.24 -16.27 -1.64
C GLY A 274 -2.31 -15.73 -2.70
N VAL A 275 -2.83 -15.60 -3.93
CA VAL A 275 -2.05 -15.04 -5.04
C VAL A 275 -1.75 -13.57 -4.79
N MET A 276 -2.69 -12.87 -4.16
CA MET A 276 -2.53 -11.45 -3.86
C MET A 276 -1.33 -11.22 -2.94
N ARG A 277 -1.18 -12.10 -1.95
CA ARG A 277 -0.08 -12.00 -0.99
C ARG A 277 1.25 -12.26 -1.70
N ASN A 278 1.26 -13.28 -2.56
CA ASN A 278 2.44 -13.67 -3.32
C ASN A 278 2.95 -12.58 -4.26
N ALA A 279 2.03 -11.89 -4.92
CA ALA A 279 2.37 -10.80 -5.83
C ALA A 279 3.08 -9.69 -5.06
N LEU A 280 2.55 -9.32 -3.89
CA LEU A 280 3.16 -8.28 -3.07
C LEU A 280 4.57 -8.64 -2.67
N GLU A 281 4.74 -9.85 -2.17
CA GLU A 281 6.03 -10.34 -1.71
C GLU A 281 7.06 -10.62 -2.78
N SER A 282 6.64 -10.69 -4.04
CA SER A 282 7.58 -10.92 -5.14
C SER A 282 8.27 -9.59 -5.52
N CYS A 283 7.76 -8.48 -4.98
CA CYS A 283 8.28 -7.13 -5.24
C CYS A 283 9.57 -6.84 -4.46
N LEU A 284 10.38 -5.94 -5.01
CA LEU A 284 11.63 -5.55 -4.40
C LEU A 284 11.40 -4.60 -3.23
N LYS A 285 12.32 -4.61 -2.28
CA LYS A 285 12.25 -3.75 -1.11
C LYS A 285 12.58 -2.31 -1.56
N GLY A 286 12.25 -1.32 -0.74
CA GLY A 286 12.57 0.06 -1.08
C GLY A 286 11.62 0.82 -2.00
N TRP A 287 11.30 0.27 -3.18
CA TRP A 287 10.39 0.93 -4.11
C TRP A 287 9.39 0.02 -4.83
N GLY A 288 9.26 -1.23 -4.39
CA GLY A 288 8.32 -2.14 -5.04
C GLY A 288 6.86 -1.73 -4.86
N VAL A 289 6.08 -1.81 -5.93
CA VAL A 289 4.67 -1.46 -5.91
C VAL A 289 3.81 -2.62 -6.46
N SER A 290 2.87 -3.10 -5.66
CA SER A 290 1.97 -4.20 -6.06
C SER A 290 0.53 -3.68 -6.06
N VAL A 291 -0.23 -4.11 -7.07
CA VAL A 291 -1.63 -3.68 -7.26
C VAL A 291 -2.63 -4.83 -7.35
N LEU A 292 -3.70 -4.75 -6.55
CA LEU A 292 -4.78 -5.75 -6.57
C LEU A 292 -5.75 -5.43 -7.70
N VAL A 293 -6.16 -6.45 -8.45
CA VAL A 293 -7.10 -6.27 -9.55
C VAL A 293 -8.20 -7.32 -9.45
N GLY A 294 -7.83 -8.54 -9.06
CA GLY A 294 -8.79 -9.62 -8.90
C GLY A 294 -9.84 -9.29 -7.85
N TRP A 295 -11.02 -9.88 -7.98
CA TRP A 295 -12.11 -9.59 -7.05
C TRP A 295 -12.63 -10.73 -6.16
N THR A 296 -12.82 -10.40 -4.89
CA THR A 296 -13.39 -11.30 -3.90
C THR A 296 -13.66 -10.55 -2.61
N ASP A 297 -14.71 -10.95 -1.91
CA ASP A 297 -15.09 -10.34 -0.64
C ASP A 297 -15.52 -11.45 0.33
N LEU A 298 -14.93 -12.62 0.14
CA LEU A 298 -15.25 -13.77 0.98
C LEU A 298 -14.08 -14.08 1.92
N HIS A 299 -12.94 -13.45 1.67
CA HIS A 299 -11.74 -13.66 2.48
C HIS A 299 -10.91 -12.38 2.58
N ASP A 300 -10.06 -12.32 3.61
CA ASP A 300 -9.16 -11.19 3.85
C ASP A 300 -7.83 -11.47 3.16
N VAL A 301 -7.12 -10.42 2.75
CA VAL A 301 -5.80 -10.58 2.15
C VAL A 301 -4.88 -10.16 3.31
N ALA A 302 -3.70 -10.77 3.41
CA ALA A 302 -2.79 -10.47 4.51
C ALA A 302 -1.32 -10.56 4.16
N THR A 303 -0.48 -10.14 5.11
CA THR A 303 0.97 -10.18 4.95
C THR A 303 1.60 -9.82 6.30
N ARG A 304 2.92 -9.80 6.35
CA ARG A 304 3.64 -9.44 7.57
C ARG A 304 3.99 -7.96 7.50
N PRO A 305 3.90 -7.24 8.63
CA PRO A 305 4.20 -5.81 8.68
C PRO A 305 5.54 -5.42 8.03
N ILE A 306 6.56 -6.26 8.21
CA ILE A 306 7.89 -6.04 7.66
C ILE A 306 7.87 -5.86 6.14
N GLN A 307 6.98 -6.57 5.46
CA GLN A 307 6.89 -6.45 4.00
C GLN A 307 6.73 -4.99 3.56
N LEU A 308 5.88 -4.25 4.27
CA LEU A 308 5.63 -2.84 3.95
C LEU A 308 6.65 -1.89 4.57
N ILE A 309 7.09 -2.21 5.79
CA ILE A 309 8.09 -1.38 6.48
C ILE A 309 9.43 -1.37 5.73
N ALA A 310 9.69 -2.42 4.97
CA ALA A 310 10.91 -2.54 4.17
C ALA A 310 10.89 -1.63 2.95
N GLY A 311 9.75 -1.02 2.67
CA GLY A 311 9.62 -0.11 1.53
C GLY A 311 8.63 -0.47 0.44
N ARG A 312 7.75 -1.43 0.66
CA ARG A 312 6.77 -1.82 -0.36
C ARG A 312 5.48 -1.04 -0.23
N THR A 313 4.78 -0.87 -1.36
CA THR A 313 3.51 -0.17 -1.41
C THR A 313 2.41 -1.12 -1.95
N TRP A 314 1.24 -1.10 -1.32
CA TRP A 314 0.12 -1.96 -1.73
C TRP A 314 -1.05 -1.07 -2.12
N LYS A 315 -1.56 -1.30 -3.32
CA LYS A 315 -2.68 -0.55 -3.86
C LYS A 315 -3.73 -1.50 -4.46
N GLY A 316 -4.82 -0.91 -4.95
CA GLY A 316 -5.88 -1.68 -5.56
C GLY A 316 -6.41 -0.84 -6.71
N SER A 317 -7.06 -1.47 -7.68
CA SER A 317 -7.57 -0.77 -8.84
C SER A 317 -9.00 -1.18 -9.19
N MET A 318 -9.77 -0.22 -9.69
CA MET A 318 -11.15 -0.43 -10.10
C MET A 318 -11.25 0.13 -11.53
N PHE A 319 -11.60 -0.73 -12.47
CA PHE A 319 -11.69 -0.35 -13.88
C PHE A 319 -10.40 0.37 -14.36
N GLY A 320 -9.25 -0.15 -13.96
CA GLY A 320 -7.97 0.42 -14.36
C GLY A 320 -7.71 1.87 -13.98
N GLY A 321 -8.48 2.38 -13.03
CA GLY A 321 -8.31 3.75 -12.58
C GLY A 321 -8.75 4.79 -13.59
N PHE A 322 -9.45 4.35 -14.64
CA PHE A 322 -9.94 5.26 -15.68
C PHE A 322 -11.23 5.90 -15.24
N LYS A 323 -11.41 7.18 -15.57
CA LYS A 323 -12.67 7.84 -15.29
C LYS A 323 -13.48 7.44 -16.52
N GLY A 324 -14.48 6.58 -16.30
CA GLY A 324 -15.33 6.06 -17.35
C GLY A 324 -15.53 6.84 -18.62
N LYS A 325 -16.21 7.98 -18.51
CA LYS A 325 -16.51 8.80 -19.66
C LYS A 325 -15.33 9.47 -20.33
N ASP A 326 -14.22 9.58 -19.61
CA ASP A 326 -13.01 10.20 -20.13
C ASP A 326 -12.09 9.18 -20.80
N GLY A 327 -11.80 8.10 -20.07
CA GLY A 327 -10.89 7.07 -20.56
C GLY A 327 -11.30 6.18 -21.72
N VAL A 328 -12.50 5.63 -21.67
CA VAL A 328 -12.99 4.73 -22.73
C VAL A 328 -12.94 5.31 -24.15
N PRO A 329 -13.43 6.54 -24.36
CA PRO A 329 -13.39 7.12 -25.71
C PRO A 329 -11.96 7.25 -26.24
N LYS A 330 -11.03 7.58 -25.34
CA LYS A 330 -9.63 7.70 -25.69
C LYS A 330 -9.01 6.34 -26.07
N MET A 331 -9.42 5.28 -25.38
CA MET A 331 -8.92 3.92 -25.66
C MET A 331 -9.44 3.45 -27.03
N VAL A 332 -10.63 3.88 -27.41
CA VAL A 332 -11.18 3.53 -28.72
C VAL A 332 -10.33 4.19 -29.81
N LYS A 333 -10.06 5.48 -29.65
CA LYS A 333 -9.24 6.24 -30.60
C LYS A 333 -7.86 5.58 -30.73
N ALA A 334 -7.31 5.11 -29.61
CA ALA A 334 -6.00 4.46 -29.60
C ALA A 334 -6.00 3.16 -30.41
N TYR A 335 -7.07 2.38 -30.26
CA TYR A 335 -7.21 1.12 -31.00
C TYR A 335 -7.28 1.43 -32.49
N LEU A 336 -8.12 2.41 -32.83
CA LEU A 336 -8.28 2.82 -34.22
C LEU A 336 -6.97 3.36 -34.83
N ASP A 337 -6.17 4.03 -34.00
CA ASP A 337 -4.88 4.57 -34.45
C ASP A 337 -3.77 3.53 -34.40
N LYS A 338 -4.13 2.26 -34.21
CA LYS A 338 -3.16 1.18 -34.14
C LYS A 338 -2.18 1.28 -32.97
N LYS A 339 -2.60 1.84 -31.85
CA LYS A 339 -1.70 1.96 -30.70
C LYS A 339 -1.93 0.88 -29.64
N VAL A 340 -3.11 0.27 -29.66
CA VAL A 340 -3.47 -0.79 -28.70
C VAL A 340 -4.16 -1.95 -29.44
N LYS A 341 -3.99 -3.16 -28.94
CA LYS A 341 -4.61 -4.36 -29.52
C LYS A 341 -5.90 -4.74 -28.79
N LEU A 342 -6.85 -5.28 -29.55
CA LEU A 342 -8.14 -5.71 -29.00
C LEU A 342 -8.60 -7.04 -29.61
N ASP A 343 -8.46 -7.17 -30.93
CA ASP A 343 -8.90 -8.38 -31.61
C ASP A 343 -8.25 -9.66 -31.08
N GLU A 344 -6.99 -9.56 -30.66
CA GLU A 344 -6.23 -10.70 -30.15
C GLU A 344 -6.76 -11.25 -28.84
N PHE A 345 -7.67 -10.52 -28.21
CA PHE A 345 -8.29 -10.94 -26.96
C PHE A 345 -9.47 -11.89 -27.21
N ILE A 346 -10.07 -11.77 -28.41
CA ILE A 346 -11.27 -12.56 -28.78
C ILE A 346 -10.93 -13.90 -29.41
N THR A 347 -11.10 -14.97 -28.64
CA THR A 347 -10.81 -16.30 -29.14
C THR A 347 -12.05 -17.04 -29.64
N HIS A 348 -13.21 -16.72 -29.05
CA HIS A 348 -14.49 -17.34 -29.42
C HIS A 348 -15.59 -16.29 -29.67
N ARG A 349 -16.53 -16.62 -30.56
CA ARG A 349 -17.68 -15.78 -30.88
C ARG A 349 -18.86 -16.75 -31.04
N MET A 350 -20.00 -16.41 -30.44
CA MET A 350 -21.18 -17.27 -30.51
C MET A 350 -22.44 -16.50 -30.13
N PRO A 351 -23.62 -16.99 -30.54
CA PRO A 351 -24.89 -16.32 -30.23
C PRO A 351 -25.23 -16.31 -28.73
N LEU A 352 -26.14 -15.42 -28.36
CA LEU A 352 -26.59 -15.30 -26.98
C LEU A 352 -27.16 -16.61 -26.45
N GLU A 353 -27.84 -17.37 -27.31
CA GLU A 353 -28.41 -18.66 -26.92
C GLU A 353 -27.38 -19.63 -26.35
N SER A 354 -26.11 -19.43 -26.72
CA SER A 354 -25.01 -20.28 -26.28
C SER A 354 -24.30 -19.73 -25.04
N VAL A 355 -24.95 -18.82 -24.31
CA VAL A 355 -24.37 -18.22 -23.11
C VAL A 355 -23.75 -19.21 -22.12
N ASN A 356 -24.47 -20.28 -21.81
CA ASN A 356 -24.00 -21.30 -20.86
C ASN A 356 -22.73 -22.02 -21.36
N ASP A 357 -22.53 -22.04 -22.67
CA ASP A 357 -21.33 -22.66 -23.23
C ASP A 357 -20.12 -21.77 -23.01
N ALA A 358 -20.31 -20.46 -23.17
CA ALA A 358 -19.25 -19.48 -22.98
C ALA A 358 -18.83 -19.46 -21.53
N ILE A 359 -19.82 -19.51 -20.64
CA ILE A 359 -19.58 -19.52 -19.21
C ILE A 359 -18.76 -20.76 -18.84
N ASP A 360 -19.14 -21.90 -19.42
CA ASP A 360 -18.45 -23.16 -19.16
C ASP A 360 -16.99 -23.09 -19.63
N LEU A 361 -16.75 -22.45 -20.77
CA LEU A 361 -15.39 -22.30 -21.29
C LEU A 361 -14.56 -21.52 -20.27
N MET A 362 -15.10 -20.40 -19.81
CA MET A 362 -14.43 -19.56 -18.83
C MET A 362 -14.14 -20.34 -17.55
N LYS A 363 -15.14 -21.13 -17.13
CA LYS A 363 -15.06 -21.94 -15.92
C LYS A 363 -13.86 -22.89 -15.97
N HIS A 364 -13.49 -23.29 -17.17
CA HIS A 364 -12.37 -24.22 -17.35
C HIS A 364 -11.13 -23.61 -18.01
N GLY A 365 -11.04 -22.28 -17.98
CA GLY A 365 -9.91 -21.58 -18.56
C GLY A 365 -9.63 -21.98 -20.00
N LYS A 366 -10.68 -22.31 -20.73
CA LYS A 366 -10.56 -22.73 -22.13
C LYS A 366 -10.78 -21.60 -23.13
N CYS A 367 -10.50 -20.37 -22.73
CA CYS A 367 -10.68 -19.21 -23.61
C CYS A 367 -10.12 -17.94 -22.98
N ILE A 368 -9.82 -16.94 -23.80
CA ILE A 368 -9.39 -15.65 -23.28
C ILE A 368 -10.76 -14.96 -23.14
N ARG A 369 -11.28 -14.39 -24.22
CA ARG A 369 -12.62 -13.80 -24.18
C ARG A 369 -13.54 -14.37 -25.26
N THR A 370 -14.78 -14.63 -24.86
CA THR A 370 -15.82 -15.12 -25.77
C THR A 370 -16.72 -13.89 -25.90
N VAL A 371 -17.03 -13.52 -27.14
CA VAL A 371 -17.88 -12.36 -27.41
C VAL A 371 -19.18 -12.82 -28.10
N LEU A 372 -20.31 -12.48 -27.47
CA LEU A 372 -21.65 -12.84 -27.92
C LEU A 372 -22.34 -11.86 -28.87
N SER A 373 -23.09 -12.41 -29.83
CA SER A 373 -23.89 -11.60 -30.75
C SER A 373 -25.32 -11.67 -30.17
N LEU A 374 -26.19 -10.72 -30.53
CA LEU A 374 -27.56 -10.70 -30.00
C LEU A 374 -28.60 -10.43 -31.09
N ALA B 1 45.30 12.10 25.73
CA ALA B 1 45.44 10.87 26.55
C ALA B 1 44.87 9.66 25.83
N THR B 2 43.62 9.75 25.37
CA THR B 2 42.94 8.64 24.70
C THR B 2 43.34 8.31 23.26
N VAL B 3 43.47 9.35 22.42
CA VAL B 3 43.82 9.16 21.01
C VAL B 3 44.96 8.18 20.70
N GLY B 4 44.67 7.26 19.79
CA GLY B 4 45.64 6.25 19.39
C GLY B 4 45.80 5.12 20.39
N LYS B 5 44.97 5.10 21.42
CA LYS B 5 45.04 4.08 22.45
C LYS B 5 43.69 3.41 22.70
N VAL B 6 43.74 2.20 23.25
CA VAL B 6 42.55 1.45 23.62
C VAL B 6 42.02 2.15 24.89
N ILE B 7 40.70 2.28 24.98
CA ILE B 7 40.06 2.95 26.11
C ILE B 7 39.39 1.97 27.08
N LYS B 8 39.39 2.33 28.36
CA LYS B 8 38.71 1.54 29.39
C LYS B 8 37.64 2.50 29.90
N CYS B 9 36.39 2.08 29.87
CA CYS B 9 35.31 2.96 30.33
C CYS B 9 34.11 2.14 30.82
N LYS B 10 33.05 2.84 31.23
CA LYS B 10 31.85 2.19 31.72
C LYS B 10 30.83 1.97 30.61
N ALA B 11 29.98 0.95 30.79
CA ALA B 11 28.93 0.63 29.82
C ALA B 11 27.88 -0.29 30.46
N ALA B 12 26.63 -0.11 30.07
CA ALA B 12 25.53 -0.94 30.57
C ALA B 12 25.52 -2.20 29.68
N VAL B 13 25.88 -3.33 30.27
CA VAL B 13 25.96 -4.60 29.55
C VAL B 13 24.81 -5.57 29.81
N ALA B 14 24.30 -6.15 28.73
CA ALA B 14 23.24 -7.15 28.79
C ALA B 14 23.94 -8.47 28.45
N TRP B 15 24.35 -9.19 29.49
CA TRP B 15 25.05 -10.46 29.30
C TRP B 15 24.17 -11.57 28.69
N GLU B 16 22.87 -11.50 28.95
CA GLU B 16 21.93 -12.50 28.43
C GLU B 16 20.52 -11.96 28.46
N ALA B 17 19.60 -12.67 27.81
CA ALA B 17 18.21 -12.27 27.76
C ALA B 17 17.52 -12.30 29.12
N ASN B 18 16.50 -11.46 29.27
CA ASN B 18 15.70 -11.35 30.48
C ASN B 18 16.41 -11.20 31.81
N LYS B 19 17.43 -10.35 31.83
CA LYS B 19 18.18 -10.10 33.05
C LYS B 19 18.54 -8.62 33.07
N PRO B 20 18.49 -7.99 34.25
CA PRO B 20 18.84 -6.57 34.33
C PRO B 20 20.28 -6.33 33.88
N LEU B 21 20.51 -5.18 33.28
CA LEU B 21 21.83 -4.81 32.79
C LEU B 21 22.78 -4.53 33.94
N VAL B 22 24.06 -4.79 33.69
CA VAL B 22 25.10 -4.58 34.68
C VAL B 22 26.12 -3.59 34.13
N ILE B 23 26.38 -2.52 34.88
CA ILE B 23 27.35 -1.51 34.47
C ILE B 23 28.73 -2.12 34.68
N GLU B 24 29.50 -2.22 33.60
CA GLU B 24 30.84 -2.79 33.63
C GLU B 24 31.91 -1.87 33.06
N GLU B 25 33.17 -2.23 33.34
CA GLU B 25 34.29 -1.50 32.79
C GLU B 25 34.63 -2.34 31.56
N ILE B 26 34.59 -1.72 30.38
CA ILE B 26 34.90 -2.42 29.13
C ILE B 26 36.13 -1.78 28.48
N GLU B 27 36.60 -2.40 27.39
CA GLU B 27 37.73 -1.88 26.63
C GLU B 27 37.22 -1.59 25.23
N VAL B 28 37.44 -0.37 24.77
CA VAL B 28 37.01 0.03 23.44
C VAL B 28 38.27 0.15 22.59
N ASP B 29 38.27 -0.60 21.49
CA ASP B 29 39.41 -0.61 20.58
C ASP B 29 39.51 0.70 19.80
N VAL B 30 40.67 0.91 19.17
CA VAL B 30 40.86 2.11 18.35
C VAL B 30 40.05 1.92 17.07
N PRO B 31 39.65 3.02 16.41
CA PRO B 31 38.87 2.89 15.17
C PRO B 31 39.68 2.34 14.00
N HIS B 32 39.10 1.35 13.30
CA HIS B 32 39.74 0.75 12.12
C HIS B 32 39.41 1.60 10.89
N ALA B 33 39.97 1.25 9.73
CA ALA B 33 39.71 2.00 8.50
C ALA B 33 38.21 2.25 8.28
N ASN B 34 37.88 3.49 7.93
CA ASN B 34 36.50 3.93 7.68
C ASN B 34 35.58 3.95 8.91
N GLU B 35 36.17 4.04 10.10
CA GLU B 35 35.42 4.09 11.36
C GLU B 35 35.79 5.30 12.23
N ILE B 36 34.88 5.67 13.12
CA ILE B 36 35.04 6.81 14.01
C ILE B 36 34.72 6.45 15.47
N ARG B 37 35.58 6.87 16.41
CA ARG B 37 35.35 6.61 17.83
C ARG B 37 34.69 7.87 18.42
N ILE B 38 33.54 7.67 19.07
CA ILE B 38 32.74 8.75 19.62
C ILE B 38 32.50 8.70 21.12
N LYS B 39 32.65 9.83 21.79
CA LYS B 39 32.37 9.92 23.22
C LYS B 39 30.88 10.31 23.34
N ILE B 40 30.05 9.37 23.77
CA ILE B 40 28.60 9.62 23.91
C ILE B 40 28.27 10.48 25.14
N ILE B 41 27.55 11.57 24.93
CA ILE B 41 27.18 12.45 26.03
C ILE B 41 25.78 12.13 26.56
N ALA B 42 24.89 11.72 25.67
CA ALA B 42 23.53 11.38 26.09
C ALA B 42 22.90 10.28 25.23
N THR B 43 21.96 9.53 25.82
CA THR B 43 21.26 8.47 25.09
C THR B 43 19.83 8.22 25.57
N GLY B 44 18.89 8.15 24.63
CA GLY B 44 17.51 7.86 24.98
C GLY B 44 17.33 6.36 25.08
N VAL B 45 16.23 5.93 25.68
CA VAL B 45 15.93 4.51 25.82
C VAL B 45 14.72 4.28 24.92
N CYS B 46 14.82 3.31 24.02
CA CYS B 46 13.73 3.01 23.09
C CYS B 46 13.13 1.61 23.28
N HIS B 47 11.90 1.44 22.82
CA HIS B 47 11.22 0.15 22.94
C HIS B 47 11.92 -0.98 22.18
N THR B 48 12.73 -0.62 21.20
CA THR B 48 13.46 -1.63 20.44
C THR B 48 14.59 -2.23 21.28
N ASP B 49 15.09 -1.49 22.27
CA ASP B 49 16.15 -2.02 23.12
C ASP B 49 15.54 -3.09 24.03
N LEU B 50 14.32 -2.84 24.51
CA LEU B 50 13.61 -3.77 25.38
C LEU B 50 13.16 -5.02 24.61
N TYR B 51 12.75 -4.83 23.36
CA TYR B 51 12.31 -5.95 22.54
C TYR B 51 13.41 -7.00 22.48
N HIS B 52 14.64 -6.55 22.30
CA HIS B 52 15.78 -7.45 22.23
C HIS B 52 16.04 -8.11 23.58
N LEU B 53 15.97 -7.32 24.65
CA LEU B 53 16.20 -7.82 26.00
C LEU B 53 15.16 -8.83 26.48
N PHE B 54 13.89 -8.59 26.15
CA PHE B 54 12.81 -9.48 26.57
C PHE B 54 12.34 -10.48 25.52
N GLU B 55 12.62 -10.23 24.24
CA GLU B 55 12.12 -11.15 23.23
C GLU B 55 13.12 -11.83 22.31
N GLY B 56 14.34 -12.00 22.75
CA GLY B 56 15.32 -12.63 21.90
C GLY B 56 15.72 -14.03 22.31
N LYS B 57 15.26 -14.94 21.53
CA LYS B 57 15.64 -16.28 21.76
C LYS B 57 17.01 -16.44 21.13
N HIS B 58 17.54 -15.45 20.44
CA HIS B 58 18.85 -15.57 19.76
C HIS B 58 20.07 -15.42 20.60
N LYS B 59 20.43 -16.49 21.26
CA LYS B 59 21.61 -16.54 22.11
C LYS B 59 22.83 -15.78 21.57
N ASP B 60 23.05 -15.83 20.25
CA ASP B 60 24.21 -15.15 19.64
C ASP B 60 24.02 -13.64 19.53
N GLY B 61 22.94 -13.16 20.12
CA GLY B 61 22.64 -11.74 20.14
C GLY B 61 23.11 -11.14 21.45
N PHE B 62 23.74 -11.96 22.28
CA PHE B 62 24.25 -11.55 23.58
C PHE B 62 25.67 -12.16 23.74
N PRO B 63 26.54 -11.54 24.56
CA PRO B 63 26.39 -10.34 25.37
C PRO B 63 26.30 -9.12 24.45
N VAL B 64 25.60 -8.07 24.90
CA VAL B 64 25.44 -6.91 24.04
C VAL B 64 25.22 -5.59 24.78
N VAL B 65 25.74 -4.51 24.21
CA VAL B 65 25.55 -3.17 24.76
C VAL B 65 24.49 -2.53 23.86
N LEU B 66 23.31 -2.33 24.41
CA LEU B 66 22.17 -1.76 23.70
C LEU B 66 22.30 -0.25 23.47
N GLY B 67 21.21 0.37 23.02
CA GLY B 67 21.22 1.80 22.77
C GLY B 67 21.42 2.18 21.32
N HIS B 68 20.55 3.07 20.85
CA HIS B 68 20.58 3.56 19.46
C HIS B 68 19.87 4.92 19.35
N GLU B 69 20.01 5.76 20.39
CA GLU B 69 19.42 7.10 20.42
C GLU B 69 20.38 8.03 21.15
N GLY B 70 21.61 8.15 20.64
CA GLY B 70 22.60 8.98 21.28
C GLY B 70 23.23 10.10 20.48
N ALA B 71 23.92 10.98 21.18
CA ALA B 71 24.59 12.12 20.56
C ALA B 71 25.95 12.26 21.23
N GLY B 72 26.96 12.67 20.47
CA GLY B 72 28.29 12.81 21.05
C GLY B 72 29.29 13.69 20.33
N ILE B 73 30.56 13.46 20.61
CA ILE B 73 31.67 14.22 20.03
C ILE B 73 32.79 13.29 19.51
N VAL B 74 33.27 13.55 18.30
CA VAL B 74 34.32 12.72 17.71
C VAL B 74 35.60 12.80 18.54
N GLU B 75 36.07 11.63 19.00
CA GLU B 75 37.29 11.53 19.80
C GLU B 75 38.50 11.24 18.88
N SER B 76 38.28 10.46 17.83
CA SER B 76 39.34 10.13 16.88
C SER B 76 38.75 9.43 15.67
N VAL B 77 39.53 9.33 14.61
CA VAL B 77 39.08 8.67 13.38
C VAL B 77 40.09 7.62 12.93
N GLY B 78 39.59 6.60 12.22
CA GLY B 78 40.44 5.53 11.75
C GLY B 78 41.10 5.89 10.43
N PRO B 79 42.03 5.07 9.93
CA PRO B 79 42.74 5.28 8.67
C PRO B 79 41.81 5.49 7.47
N GLY B 80 42.14 6.49 6.64
CA GLY B 80 41.33 6.77 5.47
C GLY B 80 40.06 7.57 5.75
N VAL B 81 39.97 8.13 6.94
CA VAL B 81 38.80 8.92 7.30
C VAL B 81 39.15 10.40 7.21
N THR B 82 38.56 11.10 6.24
CA THR B 82 38.80 12.54 6.07
C THR B 82 37.53 13.35 6.34
N GLU B 83 36.40 12.67 6.24
CA GLU B 83 35.09 13.26 6.43
C GLU B 83 34.92 13.84 7.83
N PHE B 84 35.37 13.10 8.85
CA PHE B 84 35.25 13.56 10.23
C PHE B 84 36.61 13.89 10.86
N GLN B 85 36.56 14.57 11.99
CA GLN B 85 37.76 14.96 12.74
C GLN B 85 37.39 15.23 14.19
N PRO B 86 38.33 15.01 15.13
CA PRO B 86 38.08 15.24 16.56
C PRO B 86 37.39 16.57 16.89
N GLY B 87 36.41 16.53 17.79
CA GLY B 87 35.71 17.74 18.20
C GLY B 87 34.35 18.00 17.60
N GLU B 88 34.07 17.41 16.43
CA GLU B 88 32.80 17.60 15.76
C GLU B 88 31.68 16.82 16.46
N LYS B 89 30.50 17.42 16.54
CA LYS B 89 29.35 16.77 17.16
C LYS B 89 28.70 15.85 16.12
N VAL B 90 28.29 14.67 16.58
CA VAL B 90 27.71 13.67 15.70
C VAL B 90 26.58 12.84 16.31
N ILE B 91 25.88 12.11 15.46
CA ILE B 91 24.78 11.26 15.88
C ILE B 91 24.86 9.94 15.12
N PRO B 92 25.13 8.83 15.83
CA PRO B 92 25.21 7.53 15.15
C PRO B 92 23.82 7.11 14.65
N LEU B 93 23.79 6.34 13.56
CA LEU B 93 22.54 5.88 12.93
C LEU B 93 22.46 4.35 12.88
N PHE B 94 21.25 3.79 13.06
CA PHE B 94 21.09 2.34 13.03
C PHE B 94 20.90 1.75 11.64
N ILE B 95 20.88 2.61 10.63
CA ILE B 95 20.77 2.17 9.25
C ILE B 95 21.95 2.82 8.53
N SER B 96 22.41 2.24 7.42
CA SER B 96 23.55 2.79 6.71
C SER B 96 23.19 3.55 5.44
N GLN B 97 24.11 4.39 4.99
CA GLN B 97 23.95 5.16 3.76
C GLN B 97 25.32 5.14 3.08
N CYS B 98 25.65 4.03 2.40
CA CYS B 98 26.96 3.92 1.72
C CYS B 98 27.10 4.99 0.65
N GLY B 99 25.96 5.42 0.11
CA GLY B 99 25.93 6.44 -0.92
C GLY B 99 26.33 5.99 -2.31
N GLU B 100 26.48 4.69 -2.50
CA GLU B 100 26.89 4.20 -3.82
C GLU B 100 26.01 3.12 -4.44
N CYS B 101 25.13 2.52 -3.66
CA CYS B 101 24.28 1.47 -4.19
C CYS B 101 23.04 1.99 -4.92
N ARG B 102 22.29 1.07 -5.50
CA ARG B 102 21.08 1.37 -6.24
C ARG B 102 20.05 2.04 -5.35
N PHE B 103 20.02 1.65 -4.08
CA PHE B 103 19.05 2.21 -3.13
C PHE B 103 19.45 3.60 -2.62
N CYS B 104 20.75 3.80 -2.37
CA CYS B 104 21.23 5.09 -1.90
C CYS B 104 21.07 6.19 -2.94
N GLN B 105 21.18 5.83 -4.21
CA GLN B 105 21.06 6.82 -5.29
C GLN B 105 19.62 7.12 -5.71
N SER B 106 18.67 6.39 -5.15
CA SER B 106 17.26 6.58 -5.47
C SER B 106 16.55 7.44 -4.44
N PRO B 107 15.87 8.52 -4.90
CA PRO B 107 15.16 9.40 -3.97
C PRO B 107 13.90 8.79 -3.37
N LYS B 108 13.56 7.57 -3.77
CA LYS B 108 12.35 6.89 -3.30
C LYS B 108 12.51 6.05 -2.03
N THR B 109 13.71 5.99 -1.47
CA THR B 109 13.91 5.17 -0.29
C THR B 109 15.16 5.55 0.51
N ASN B 110 15.25 5.01 1.74
CA ASN B 110 16.40 5.24 2.60
C ASN B 110 17.14 3.91 2.84
N GLN B 111 16.84 2.94 1.98
CA GLN B 111 17.42 1.61 2.03
C GLN B 111 18.87 1.63 1.57
N CYS B 112 19.59 0.54 1.87
CA CYS B 112 21.00 0.40 1.49
C CYS B 112 21.36 -1.08 1.48
N VAL B 113 22.46 -1.43 0.82
CA VAL B 113 22.91 -2.81 0.77
C VAL B 113 23.88 -3.13 1.92
N LYS B 114 24.41 -2.08 2.56
CA LYS B 114 25.35 -2.27 3.67
C LYS B 114 24.69 -2.26 5.04
N GLY B 115 25.47 -2.56 6.08
CA GLY B 115 24.97 -2.57 7.44
C GLY B 115 24.59 -3.93 7.99
N TRP B 116 24.49 -4.01 9.31
CA TRP B 116 24.12 -5.25 10.00
C TRP B 116 22.79 -5.84 9.49
N ALA B 117 21.84 -5.00 9.09
CA ALA B 117 20.54 -5.48 8.62
C ALA B 117 20.63 -6.35 7.35
N ASN B 118 21.74 -6.21 6.63
CA ASN B 118 21.95 -6.97 5.39
C ASN B 118 23.01 -8.05 5.58
N GLU B 119 23.84 -7.85 6.57
CA GLU B 119 24.93 -8.75 6.91
C GLU B 119 24.50 -9.79 7.94
N SER B 120 23.83 -9.33 8.99
CA SER B 120 23.40 -10.20 10.07
C SER B 120 22.19 -9.69 10.87
N PRO B 121 20.98 -9.69 10.27
CA PRO B 121 19.78 -9.21 10.96
C PRO B 121 19.28 -10.12 12.08
N ASP B 122 19.68 -11.38 12.04
CA ASP B 122 19.28 -12.39 13.01
C ASP B 122 19.70 -12.05 14.44
N VAL B 123 20.93 -11.59 14.59
CA VAL B 123 21.47 -11.25 15.90
C VAL B 123 21.30 -9.77 16.26
N MET B 124 20.80 -8.98 15.30
CA MET B 124 20.56 -7.54 15.47
C MET B 124 21.79 -6.68 15.79
N SER B 125 22.95 -7.11 15.33
CA SER B 125 24.20 -6.39 15.54
C SER B 125 25.26 -6.90 14.55
N PRO B 126 26.19 -6.02 14.14
CA PRO B 126 27.23 -6.44 13.20
C PRO B 126 28.10 -7.58 13.76
N LYS B 127 28.70 -8.35 12.87
CA LYS B 127 29.53 -9.47 13.28
C LYS B 127 30.76 -9.00 14.05
N GLU B 128 31.45 -7.99 13.52
CA GLU B 128 32.65 -7.42 14.14
C GLU B 128 32.31 -6.50 15.31
N THR B 129 33.07 -6.61 16.40
CA THR B 129 32.83 -5.76 17.54
C THR B 129 34.14 -5.16 18.03
N ARG B 130 34.04 -3.95 18.59
CA ARG B 130 35.20 -3.22 19.12
C ARG B 130 35.13 -3.18 20.63
N PHE B 131 34.24 -3.98 21.22
CA PHE B 131 34.07 -4.04 22.67
C PHE B 131 34.51 -5.38 23.24
N THR B 132 35.10 -5.32 24.44
CA THR B 132 35.53 -6.49 25.17
C THR B 132 35.29 -6.17 26.65
N CYS B 133 35.03 -7.20 27.45
CA CYS B 133 34.80 -7.05 28.87
C CYS B 133 35.10 -8.37 29.54
N LYS B 134 36.02 -8.36 30.50
CA LYS B 134 36.40 -9.56 31.26
C LYS B 134 36.81 -10.70 30.33
N GLY B 135 37.61 -10.35 29.32
CA GLY B 135 38.08 -11.32 28.35
C GLY B 135 37.07 -11.80 27.33
N ARG B 136 35.83 -11.31 27.41
CA ARG B 136 34.76 -11.73 26.49
C ARG B 136 34.42 -10.62 25.47
N LYS B 137 34.05 -11.02 24.25
CA LYS B 137 33.64 -10.06 23.21
C LYS B 137 32.20 -9.71 23.50
N VAL B 138 31.88 -8.41 23.45
CA VAL B 138 30.53 -7.91 23.72
C VAL B 138 30.06 -7.18 22.47
N LEU B 139 28.93 -7.63 21.91
CA LEU B 139 28.36 -7.09 20.69
C LEU B 139 27.89 -5.63 20.76
N GLN B 140 27.83 -5.00 19.59
CA GLN B 140 27.38 -3.61 19.48
C GLN B 140 26.01 -3.54 18.81
N PHE B 141 24.97 -3.44 19.63
CA PHE B 141 23.58 -3.37 19.17
C PHE B 141 23.37 -2.37 18.02
N LEU B 142 22.82 -2.87 16.92
CA LEU B 142 22.54 -2.08 15.71
C LEU B 142 23.73 -1.28 15.21
N GLY B 143 24.93 -1.71 15.57
CA GLY B 143 26.14 -1.03 15.18
C GLY B 143 26.31 0.35 15.81
N THR B 144 25.46 0.69 16.78
CA THR B 144 25.52 1.99 17.47
C THR B 144 25.93 1.87 18.95
N SER B 145 25.31 0.95 19.69
CA SER B 145 25.62 0.71 21.11
C SER B 145 25.88 1.99 21.91
N THR B 146 24.82 2.75 22.18
CA THR B 146 24.96 4.01 22.89
C THR B 146 24.89 3.97 24.42
N PHE B 147 24.80 2.78 25.01
CA PHE B 147 24.77 2.62 26.45
C PHE B 147 26.22 2.49 26.99
N SER B 148 27.17 3.02 26.22
CA SER B 148 28.59 3.01 26.57
C SER B 148 29.10 4.44 26.48
N GLN B 149 30.04 4.80 27.35
CA GLN B 149 30.61 6.15 27.31
C GLN B 149 31.32 6.38 25.98
N TYR B 150 31.90 5.32 25.41
CA TYR B 150 32.58 5.42 24.11
C TYR B 150 32.12 4.32 23.17
N THR B 151 31.86 4.69 21.93
CA THR B 151 31.42 3.73 20.91
C THR B 151 32.25 3.95 19.63
N VAL B 152 32.18 2.99 18.73
CA VAL B 152 32.89 3.02 17.44
C VAL B 152 31.87 2.64 16.36
N VAL B 153 31.67 3.54 15.40
CA VAL B 153 30.70 3.32 14.32
C VAL B 153 31.35 3.55 12.96
N ASN B 154 30.84 2.85 11.94
CA ASN B 154 31.37 2.98 10.59
C ASN B 154 30.87 4.32 10.05
N GLN B 155 31.74 5.06 9.37
CA GLN B 155 31.37 6.38 8.87
C GLN B 155 30.06 6.49 8.05
N ILE B 156 29.63 5.40 7.41
CA ILE B 156 28.39 5.44 6.62
C ILE B 156 27.15 5.37 7.52
N ALA B 157 27.38 5.34 8.82
CA ALA B 157 26.29 5.28 9.79
C ALA B 157 26.46 6.37 10.84
N VAL B 158 27.05 7.50 10.41
CA VAL B 158 27.29 8.64 11.28
C VAL B 158 26.87 9.94 10.58
N ALA B 159 26.16 10.79 11.32
CA ALA B 159 25.72 12.08 10.80
C ALA B 159 26.35 13.22 11.58
N LYS B 160 27.03 14.12 10.87
CA LYS B 160 27.68 15.28 11.50
C LYS B 160 26.62 16.37 11.66
N ILE B 161 26.54 16.94 12.87
CA ILE B 161 25.54 17.97 13.15
C ILE B 161 26.13 19.34 13.53
N ASP B 162 25.25 20.32 13.70
CA ASP B 162 25.62 21.69 14.07
C ASP B 162 26.48 21.70 15.35
N PRO B 163 27.59 22.46 15.34
CA PRO B 163 28.46 22.53 16.51
C PRO B 163 27.85 23.18 17.77
N SER B 164 26.69 23.81 17.64
CA SER B 164 26.02 24.45 18.77
C SER B 164 24.91 23.60 19.37
N ALA B 165 24.61 22.48 18.72
CA ALA B 165 23.54 21.57 19.16
C ALA B 165 23.70 21.00 20.58
N PRO B 166 22.61 20.97 21.35
CA PRO B 166 22.61 20.45 22.73
C PRO B 166 22.48 18.92 22.69
N LEU B 167 23.60 18.24 22.95
CA LEU B 167 23.70 16.79 22.92
C LEU B 167 22.75 15.99 23.81
N ASP B 168 22.35 16.57 24.94
CA ASP B 168 21.44 15.90 25.87
C ASP B 168 19.97 15.93 25.43
N THR B 169 19.71 16.52 24.26
CA THR B 169 18.35 16.59 23.73
C THR B 169 18.27 16.12 22.27
N VAL B 170 19.22 16.52 21.43
CA VAL B 170 19.22 16.12 20.02
C VAL B 170 19.38 14.61 19.83
N CYS B 171 19.87 13.94 20.86
CA CYS B 171 20.09 12.49 20.84
C CYS B 171 18.85 11.68 20.44
N LEU B 172 17.66 12.23 20.69
CA LEU B 172 16.42 11.52 20.37
C LEU B 172 16.23 11.38 18.87
N LEU B 173 16.94 12.20 18.10
CA LEU B 173 16.88 12.20 16.64
C LEU B 173 17.48 10.91 16.05
N GLY B 174 18.25 10.19 16.87
CA GLY B 174 18.85 8.94 16.42
C GLY B 174 17.82 7.87 16.08
N CYS B 175 16.61 7.96 16.63
CA CYS B 175 15.54 7.00 16.35
C CYS B 175 14.10 7.53 16.47
N GLY B 176 13.54 7.47 17.68
CA GLY B 176 12.16 7.88 17.94
C GLY B 176 11.50 9.07 17.28
N VAL B 177 12.09 10.25 17.42
CA VAL B 177 11.51 11.45 16.84
C VAL B 177 11.55 11.44 15.31
N SER B 178 12.66 10.99 14.74
CA SER B 178 12.77 10.94 13.28
C SER B 178 11.80 9.93 12.66
N THR B 179 11.50 8.87 13.39
CA THR B 179 10.57 7.84 12.93
C THR B 179 9.14 8.35 12.80
N GLY B 180 8.63 8.99 13.85
CA GLY B 180 7.27 9.52 13.79
C GLY B 180 7.14 10.69 12.83
N PHE B 181 8.04 11.66 12.95
CA PHE B 181 8.04 12.84 12.08
C PHE B 181 8.17 12.51 10.59
N GLY B 182 9.18 11.71 10.24
CA GLY B 182 9.40 11.33 8.85
C GLY B 182 8.32 10.47 8.22
N ALA B 183 7.70 9.63 9.02
CA ALA B 183 6.64 8.77 8.51
C ALA B 183 5.54 9.66 7.94
N ALA B 184 5.27 10.77 8.63
CA ALA B 184 4.24 11.71 8.18
C ALA B 184 4.69 12.51 6.98
N VAL B 185 5.90 13.07 7.07
CA VAL B 185 6.47 13.93 6.03
C VAL B 185 7.02 13.25 4.77
N ASN B 186 7.91 12.28 4.94
CA ASN B 186 8.53 11.56 3.82
C ASN B 186 7.69 10.41 3.25
N THR B 187 7.20 9.56 4.14
CA THR B 187 6.42 8.36 3.75
C THR B 187 4.98 8.65 3.31
N ALA B 188 4.15 9.15 4.21
CA ALA B 188 2.76 9.46 3.89
C ALA B 188 2.69 10.64 2.94
N LYS B 189 3.61 11.57 3.13
CA LYS B 189 3.70 12.79 2.34
C LYS B 189 2.44 13.64 2.55
N VAL B 190 2.13 13.86 3.83
CA VAL B 190 0.97 14.68 4.22
C VAL B 190 1.04 16.02 3.49
N GLU B 191 -0.12 16.48 3.03
CA GLU B 191 -0.26 17.72 2.27
C GLU B 191 -0.94 18.84 3.05
N PRO B 192 -0.69 20.09 2.65
CA PRO B 192 -1.30 21.24 3.32
C PRO B 192 -2.82 21.17 3.22
N GLY B 193 -3.50 21.50 4.31
CA GLY B 193 -4.95 21.49 4.33
C GLY B 193 -5.67 20.17 4.52
N SER B 194 -4.93 19.07 4.64
CA SER B 194 -5.55 17.76 4.79
C SER B 194 -6.00 17.38 6.20
N THR B 195 -6.70 16.25 6.29
CA THR B 195 -7.19 15.69 7.55
C THR B 195 -6.34 14.46 7.82
N CYS B 196 -5.89 14.32 9.06
CA CYS B 196 -5.04 13.20 9.43
C CYS B 196 -5.52 12.59 10.71
N ALA B 197 -5.08 11.36 10.98
CA ALA B 197 -5.41 10.66 12.22
C ALA B 197 -4.16 9.89 12.66
N VAL B 198 -3.78 10.02 13.92
CA VAL B 198 -2.61 9.32 14.45
C VAL B 198 -3.04 8.36 15.57
N PHE B 199 -2.67 7.09 15.45
CA PHE B 199 -3.02 6.08 16.45
C PHE B 199 -1.86 5.76 17.40
N GLY B 200 -2.04 6.04 18.69
CA GLY B 200 -0.99 5.77 19.66
C GLY B 200 -0.22 7.05 19.91
N LEU B 201 -0.15 7.48 21.18
CA LEU B 201 0.55 8.73 21.50
C LEU B 201 1.79 8.63 22.42
N GLY B 202 2.71 7.75 22.04
CA GLY B 202 3.96 7.63 22.77
C GLY B 202 4.87 8.63 22.08
N ALA B 203 6.19 8.42 22.11
CA ALA B 203 7.11 9.34 21.44
C ALA B 203 6.96 9.27 19.91
N VAL B 204 6.76 8.07 19.37
CA VAL B 204 6.61 7.91 17.93
C VAL B 204 5.33 8.61 17.44
N GLY B 205 4.24 8.38 18.15
CA GLY B 205 2.96 8.99 17.80
C GLY B 205 2.98 10.50 17.93
N LEU B 206 3.51 11.00 19.05
CA LEU B 206 3.59 12.44 19.28
C LEU B 206 4.39 13.11 18.19
N ALA B 207 5.47 12.45 17.76
CA ALA B 207 6.33 12.98 16.70
C ALA B 207 5.58 12.96 15.37
N ALA B 208 4.67 12.00 15.20
CA ALA B 208 3.88 11.88 14.00
C ALA B 208 2.90 13.06 13.91
N VAL B 209 2.32 13.43 15.04
CA VAL B 209 1.40 14.56 15.12
C VAL B 209 2.15 15.83 14.75
N MET B 210 3.39 15.95 15.25
CA MET B 210 4.23 17.11 14.98
C MET B 210 4.56 17.16 13.48
N GLY B 211 4.74 15.98 12.88
CA GLY B 211 5.01 15.91 11.45
C GLY B 211 3.82 16.35 10.64
N CYS B 212 2.63 15.85 11.00
CA CYS B 212 1.40 16.23 10.30
C CYS B 212 1.25 17.75 10.37
N HIS B 213 1.50 18.30 11.56
CA HIS B 213 1.40 19.74 11.79
C HIS B 213 2.39 20.53 10.93
N SER B 214 3.64 20.08 10.86
CA SER B 214 4.64 20.76 10.05
C SER B 214 4.27 20.74 8.58
N ALA B 215 3.66 19.64 8.13
CA ALA B 215 3.25 19.51 6.73
C ALA B 215 2.09 20.45 6.40
N GLY B 216 1.43 20.95 7.45
CA GLY B 216 0.32 21.86 7.26
C GLY B 216 -1.06 21.23 7.25
N ALA B 217 -1.23 20.07 7.88
CA ALA B 217 -2.53 19.41 7.92
C ALA B 217 -3.52 20.34 8.61
N LYS B 218 -4.73 20.39 8.08
CA LYS B 218 -5.80 21.23 8.61
C LYS B 218 -6.43 20.62 9.86
N ARG B 219 -6.49 19.29 9.91
CA ARG B 219 -7.08 18.60 11.05
C ARG B 219 -6.18 17.43 11.42
N ILE B 220 -5.95 17.22 12.71
CA ILE B 220 -5.11 16.14 13.19
C ILE B 220 -5.79 15.52 14.39
N ILE B 221 -6.42 14.37 14.19
CA ILE B 221 -7.14 13.66 15.25
C ILE B 221 -6.19 12.69 15.95
N ALA B 222 -5.97 12.91 17.24
CA ALA B 222 -5.10 12.04 18.04
C ALA B 222 -5.97 10.98 18.68
N VAL B 223 -5.62 9.72 18.47
CA VAL B 223 -6.38 8.58 19.01
C VAL B 223 -5.49 7.78 19.97
N ASP B 224 -6.03 7.46 21.15
CA ASP B 224 -5.30 6.72 22.17
C ASP B 224 -6.26 6.21 23.25
N LEU B 225 -6.01 5.02 23.77
CA LEU B 225 -6.85 4.44 24.83
C LEU B 225 -6.71 5.20 26.15
N ASN B 226 -5.51 5.74 26.38
CA ASN B 226 -5.13 6.50 27.59
C ASN B 226 -5.33 8.01 27.46
N PRO B 227 -6.42 8.53 28.01
CA PRO B 227 -6.78 9.95 27.97
C PRO B 227 -5.73 10.88 28.62
N ASP B 228 -4.82 10.33 29.39
CA ASP B 228 -3.78 11.14 30.03
C ASP B 228 -2.73 11.62 29.03
N LYS B 229 -2.77 11.09 27.81
CA LYS B 229 -1.82 11.45 26.75
C LYS B 229 -2.28 12.61 25.86
N PHE B 230 -3.52 13.04 26.02
CA PHE B 230 -4.08 14.11 25.20
C PHE B 230 -3.46 15.50 25.37
N GLU B 231 -3.12 15.91 26.60
CA GLU B 231 -2.55 17.24 26.77
C GLU B 231 -1.27 17.48 25.97
N LYS B 232 -0.33 16.53 26.00
CA LYS B 232 0.90 16.66 25.23
C LYS B 232 0.62 16.63 23.74
N ALA B 233 -0.35 15.82 23.32
CA ALA B 233 -0.71 15.74 21.91
C ALA B 233 -1.20 17.11 21.44
N LYS B 234 -1.90 17.84 22.30
CA LYS B 234 -2.37 19.16 21.94
C LYS B 234 -1.16 20.09 21.77
N VAL B 235 -0.18 19.96 22.66
CA VAL B 235 1.05 20.78 22.62
C VAL B 235 1.83 20.55 21.33
N PHE B 236 1.77 19.34 20.80
CA PHE B 236 2.47 19.02 19.56
C PHE B 236 1.66 19.37 18.31
N GLY B 237 0.40 19.76 18.48
CA GLY B 237 -0.40 20.13 17.32
C GLY B 237 -1.72 19.44 17.01
N ALA B 238 -2.10 18.41 17.76
CA ALA B 238 -3.38 17.72 17.48
C ALA B 238 -4.58 18.61 17.74
N THR B 239 -5.59 18.52 16.88
CA THR B 239 -6.80 19.33 17.01
C THR B 239 -7.99 18.60 17.65
N ASP B 240 -8.01 17.27 17.54
CA ASP B 240 -9.10 16.48 18.10
C ASP B 240 -8.55 15.34 18.92
N PHE B 241 -9.30 14.91 19.93
CA PHE B 241 -8.86 13.83 20.81
C PHE B 241 -9.94 12.77 20.93
N VAL B 242 -9.61 11.53 20.58
CA VAL B 242 -10.58 10.44 20.65
C VAL B 242 -10.05 9.22 21.38
N ASN B 243 -10.84 8.73 22.33
CA ASN B 243 -10.51 7.52 23.11
C ASN B 243 -11.49 6.44 22.61
N PRO B 244 -10.98 5.34 22.03
CA PRO B 244 -11.78 4.24 21.50
C PRO B 244 -12.71 3.62 22.54
N ASN B 245 -12.25 3.56 23.79
CA ASN B 245 -13.06 2.99 24.86
C ASN B 245 -14.39 3.69 25.05
N ASP B 246 -14.45 4.96 24.67
CA ASP B 246 -15.65 5.77 24.80
C ASP B 246 -16.73 5.55 23.76
N HIS B 247 -16.53 4.61 22.85
CA HIS B 247 -17.51 4.35 21.78
C HIS B 247 -17.71 2.86 21.60
N SER B 248 -18.97 2.43 21.54
CA SER B 248 -19.27 1.01 21.37
C SER B 248 -18.98 0.43 19.99
N GLU B 249 -18.98 1.27 18.96
CA GLU B 249 -18.70 0.84 17.59
C GLU B 249 -17.20 0.95 17.28
N PRO B 250 -16.67 0.16 16.32
CA PRO B 250 -15.24 0.23 15.99
C PRO B 250 -14.74 1.66 15.71
N ILE B 251 -13.49 1.94 16.11
CA ILE B 251 -12.89 3.26 15.93
C ILE B 251 -12.94 3.79 14.49
N SER B 252 -12.92 2.89 13.51
CA SER B 252 -12.99 3.32 12.11
C SER B 252 -14.34 3.99 11.83
N GLN B 253 -15.41 3.47 12.42
CA GLN B 253 -16.74 4.03 12.22
C GLN B 253 -16.84 5.40 12.85
N VAL B 254 -16.23 5.56 14.02
CA VAL B 254 -16.26 6.83 14.74
C VAL B 254 -15.55 7.93 13.96
N LEU B 255 -14.35 7.64 13.49
CA LEU B 255 -13.56 8.61 12.72
C LEU B 255 -14.26 8.90 11.39
N SER B 256 -14.87 7.88 10.82
CA SER B 256 -15.60 8.00 9.56
C SER B 256 -16.74 9.02 9.74
N LYS B 257 -17.50 8.92 10.83
CA LYS B 257 -18.61 9.85 11.09
C LYS B 257 -18.11 11.26 11.30
N MET B 258 -17.04 11.39 12.07
CA MET B 258 -16.47 12.70 12.37
C MET B 258 -15.96 13.40 11.13
N THR B 259 -15.48 12.63 10.15
CA THR B 259 -14.91 13.23 8.95
C THR B 259 -15.67 13.10 7.65
N ASN B 260 -16.83 12.46 7.67
CA ASN B 260 -17.66 12.27 6.47
C ASN B 260 -17.03 11.25 5.55
N GLY B 261 -16.71 10.08 6.09
CA GLY B 261 -16.13 9.02 5.27
C GLY B 261 -14.69 8.62 5.52
N GLY B 262 -13.97 9.35 6.37
CA GLY B 262 -12.59 9.02 6.65
C GLY B 262 -11.58 10.14 6.39
N VAL B 263 -10.38 9.98 6.95
CA VAL B 263 -9.29 10.94 6.84
C VAL B 263 -8.45 10.77 5.57
N ASP B 264 -7.66 11.78 5.24
CA ASP B 264 -6.81 11.73 4.07
C ASP B 264 -5.56 10.89 4.31
N PHE B 265 -4.97 11.02 5.50
CA PHE B 265 -3.77 10.29 5.88
C PHE B 265 -3.91 9.76 7.31
N SER B 266 -3.40 8.56 7.56
CA SER B 266 -3.42 8.00 8.91
C SER B 266 -2.09 7.31 9.16
N LEU B 267 -1.68 7.26 10.42
CA LEU B 267 -0.42 6.64 10.79
C LEU B 267 -0.59 5.78 12.04
N GLU B 268 -0.10 4.55 11.99
CA GLU B 268 -0.22 3.65 13.13
C GLU B 268 1.09 3.69 13.90
N CYS B 269 1.04 4.12 15.16
CA CYS B 269 2.24 4.22 15.99
C CYS B 269 2.11 3.43 17.28
N VAL B 270 1.46 2.27 17.19
CA VAL B 270 1.25 1.38 18.32
C VAL B 270 2.04 0.08 18.14
N GLY B 271 1.90 -0.55 17.00
CA GLY B 271 2.58 -1.80 16.72
C GLY B 271 1.64 -2.95 17.06
N ASN B 272 0.38 -2.77 16.72
CA ASN B 272 -0.65 -3.77 16.98
C ASN B 272 -1.42 -3.98 15.66
N VAL B 273 -1.50 -5.22 15.20
CA VAL B 273 -2.19 -5.52 13.94
C VAL B 273 -3.67 -5.14 13.88
N GLY B 274 -4.35 -5.20 15.03
CA GLY B 274 -5.75 -4.84 15.08
C GLY B 274 -5.91 -3.34 14.89
N VAL B 275 -4.92 -2.58 15.34
CA VAL B 275 -4.94 -1.12 15.20
C VAL B 275 -4.55 -0.76 13.77
N MET B 276 -3.61 -1.52 13.21
CA MET B 276 -3.15 -1.31 11.84
C MET B 276 -4.33 -1.42 10.85
N ARG B 277 -5.23 -2.38 11.08
CA ARG B 277 -6.38 -2.55 10.20
C ARG B 277 -7.34 -1.36 10.32
N ASN B 278 -7.70 -1.00 11.54
CA ASN B 278 -8.62 0.12 11.80
C ASN B 278 -8.08 1.45 11.26
N ALA B 279 -6.76 1.61 11.32
CA ALA B 279 -6.07 2.81 10.82
C ALA B 279 -6.28 2.98 9.33
N LEU B 280 -6.17 1.87 8.59
CA LEU B 280 -6.37 1.84 7.12
C LEU B 280 -7.83 2.08 6.78
N GLU B 281 -8.72 1.38 7.48
CA GLU B 281 -10.15 1.49 7.28
C GLU B 281 -10.76 2.82 7.71
N SER B 282 -9.98 3.63 8.42
CA SER B 282 -10.40 4.95 8.87
C SER B 282 -10.14 6.00 7.76
N CYS B 283 -9.32 5.63 6.78
CA CYS B 283 -8.99 6.52 5.67
C CYS B 283 -10.15 6.62 4.68
N LEU B 284 -10.16 7.71 3.93
CA LEU B 284 -11.19 7.95 2.92
C LEU B 284 -10.86 7.12 1.68
N LYS B 285 -11.91 6.65 1.00
CA LYS B 285 -11.74 5.88 -0.22
C LYS B 285 -11.21 6.83 -1.29
N GLY B 286 -10.66 6.27 -2.37
CA GLY B 286 -10.17 7.12 -3.45
C GLY B 286 -8.78 7.69 -3.33
N TRP B 287 -8.45 8.26 -2.18
CA TRP B 287 -7.12 8.82 -2.00
C TRP B 287 -6.54 8.64 -0.59
N GLY B 288 -7.25 7.91 0.26
CA GLY B 288 -6.75 7.68 1.61
C GLY B 288 -5.45 6.91 1.60
N VAL B 289 -4.48 7.34 2.42
CA VAL B 289 -3.17 6.70 2.54
C VAL B 289 -2.88 6.38 4.01
N SER B 290 -2.42 5.15 4.28
CA SER B 290 -2.12 4.71 5.64
C SER B 290 -0.70 4.15 5.75
N VAL B 291 -0.01 4.56 6.82
CA VAL B 291 1.37 4.15 7.04
C VAL B 291 1.60 3.39 8.33
N LEU B 292 2.22 2.22 8.19
CA LEU B 292 2.56 1.39 9.34
C LEU B 292 3.90 1.91 9.83
N VAL B 293 3.92 2.41 11.06
CA VAL B 293 5.14 2.93 11.67
C VAL B 293 5.51 1.96 12.77
N GLY B 294 4.53 1.69 13.63
CA GLY B 294 4.71 0.74 14.72
C GLY B 294 4.95 -0.62 14.07
N TRP B 295 5.63 -1.52 14.77
CA TRP B 295 5.93 -2.83 14.21
C TRP B 295 5.74 -3.99 15.19
N THR B 296 5.42 -5.16 14.62
CA THR B 296 5.27 -6.43 15.35
C THR B 296 5.46 -7.46 14.25
N ASP B 297 5.67 -8.73 14.61
CA ASP B 297 5.83 -9.75 13.58
C ASP B 297 5.09 -10.99 13.95
N LEU B 298 4.87 -11.14 15.25
CA LEU B 298 4.19 -12.32 15.79
C LEU B 298 2.92 -12.65 14.97
N HIS B 299 2.25 -11.60 14.43
CA HIS B 299 1.02 -11.78 13.64
C HIS B 299 0.99 -11.06 12.26
N ASP B 300 0.22 -11.61 11.33
CA ASP B 300 0.03 -11.04 9.98
C ASP B 300 -0.97 -9.90 10.16
N VAL B 301 -0.87 -8.87 9.33
CA VAL B 301 -1.84 -7.80 9.37
C VAL B 301 -2.73 -8.10 8.16
N ALA B 302 -4.03 -7.81 8.23
CA ALA B 302 -4.93 -8.13 7.13
C ALA B 302 -6.10 -7.17 6.96
N THR B 303 -6.70 -7.20 5.78
CA THR B 303 -7.86 -6.36 5.45
C THR B 303 -8.64 -7.02 4.30
N ARG B 304 -9.84 -6.53 4.00
CA ARG B 304 -10.64 -7.06 2.90
C ARG B 304 -10.14 -6.41 1.59
N PRO B 305 -10.01 -7.21 0.52
CA PRO B 305 -9.54 -6.69 -0.78
C PRO B 305 -10.20 -5.36 -1.24
N ILE B 306 -11.49 -5.21 -0.99
CA ILE B 306 -12.23 -4.01 -1.39
C ILE B 306 -11.64 -2.70 -0.85
N GLN B 307 -11.05 -2.75 0.34
CA GLN B 307 -10.47 -1.56 0.95
C GLN B 307 -9.46 -0.89 0.02
N LEU B 308 -8.57 -1.68 -0.57
CA LEU B 308 -7.56 -1.16 -1.49
C LEU B 308 -8.13 -0.92 -2.89
N ILE B 309 -9.01 -1.80 -3.32
CA ILE B 309 -9.65 -1.68 -4.64
C ILE B 309 -10.47 -0.39 -4.73
N ALA B 310 -11.01 0.04 -3.60
CA ALA B 310 -11.79 1.26 -3.54
C ALA B 310 -10.92 2.54 -3.52
N GLY B 311 -9.60 2.38 -3.62
CA GLY B 311 -8.71 3.53 -3.65
C GLY B 311 -7.72 3.85 -2.53
N ARG B 312 -7.68 3.04 -1.48
CA ARG B 312 -6.75 3.30 -0.38
C ARG B 312 -5.35 2.74 -0.67
N THR B 313 -4.31 3.39 -0.12
CA THR B 313 -2.93 2.94 -0.31
C THR B 313 -2.27 2.60 1.04
N TRP B 314 -1.65 1.42 1.12
CA TRP B 314 -0.98 0.95 2.34
C TRP B 314 0.55 0.99 2.15
N LYS B 315 1.21 1.68 3.07
CA LYS B 315 2.66 1.86 3.03
C LYS B 315 3.27 1.64 4.43
N GLY B 316 4.60 1.71 4.53
CA GLY B 316 5.31 1.54 5.78
C GLY B 316 6.72 2.07 5.69
N SER B 317 7.36 2.38 6.81
CA SER B 317 8.73 2.87 6.74
C SER B 317 9.59 2.62 7.96
N MET B 318 10.90 2.69 7.76
CA MET B 318 11.86 2.51 8.82
C MET B 318 12.63 3.84 8.98
N PHE B 319 12.78 4.29 10.22
CA PHE B 319 13.48 5.54 10.53
C PHE B 319 12.85 6.69 9.74
N GLY B 320 11.52 6.70 9.70
CA GLY B 320 10.78 7.73 8.99
C GLY B 320 11.13 7.97 7.54
N GLY B 321 11.87 7.06 6.93
CA GLY B 321 12.25 7.19 5.53
C GLY B 321 13.40 8.13 5.27
N PHE B 322 13.99 8.66 6.33
CA PHE B 322 15.11 9.60 6.20
C PHE B 322 16.39 8.95 5.75
N LYS B 323 17.09 9.61 4.84
CA LYS B 323 18.41 9.17 4.43
C LYS B 323 19.22 9.88 5.53
N GLY B 324 19.62 9.10 6.53
CA GLY B 324 20.34 9.59 7.69
C GLY B 324 21.36 10.72 7.62
N LYS B 325 22.39 10.53 6.81
CA LYS B 325 23.42 11.55 6.69
C LYS B 325 22.89 12.89 6.19
N ASP B 326 21.73 12.88 5.55
CA ASP B 326 21.14 14.12 5.05
C ASP B 326 20.01 14.63 5.95
N GLY B 327 19.16 13.72 6.39
CA GLY B 327 18.02 14.07 7.22
C GLY B 327 18.25 14.55 8.65
N VAL B 328 19.13 13.87 9.40
CA VAL B 328 19.40 14.25 10.79
C VAL B 328 19.98 15.68 10.93
N PRO B 329 20.95 16.06 10.08
CA PRO B 329 21.52 17.40 10.17
C PRO B 329 20.45 18.48 9.95
N LYS B 330 19.51 18.18 9.05
CA LYS B 330 18.42 19.11 8.76
C LYS B 330 17.45 19.21 9.93
N MET B 331 17.24 18.11 10.62
CA MET B 331 16.35 18.10 11.78
C MET B 331 16.99 18.83 12.95
N VAL B 332 18.32 18.72 13.08
CA VAL B 332 19.02 19.43 14.17
C VAL B 332 18.86 20.93 13.98
N LYS B 333 19.06 21.39 12.74
CA LYS B 333 18.91 22.79 12.39
C LYS B 333 17.47 23.27 12.59
N ALA B 334 16.52 22.40 12.27
CA ALA B 334 15.11 22.76 12.44
C ALA B 334 14.79 23.00 13.92
N TYR B 335 15.35 22.17 14.79
CA TYR B 335 15.15 22.32 16.24
C TYR B 335 15.76 23.65 16.71
N LEU B 336 16.99 23.90 16.29
CA LEU B 336 17.71 25.13 16.64
C LEU B 336 17.00 26.38 16.08
N ASP B 337 16.31 26.22 14.95
CA ASP B 337 15.57 27.32 14.32
C ASP B 337 14.15 27.44 14.91
N LYS B 338 13.87 26.64 15.93
CA LYS B 338 12.58 26.61 16.65
C LYS B 338 11.37 26.09 15.87
N LYS B 339 11.62 25.36 14.78
CA LYS B 339 10.55 24.80 13.95
C LYS B 339 10.13 23.41 14.41
N VAL B 340 11.00 22.77 15.19
CA VAL B 340 10.74 21.42 15.70
C VAL B 340 11.00 21.36 17.22
N LYS B 341 10.08 20.72 17.95
CA LYS B 341 10.18 20.54 19.40
C LYS B 341 10.89 19.22 19.71
N LEU B 342 11.58 19.17 20.86
CA LEU B 342 12.29 17.97 21.30
C LEU B 342 12.26 17.85 22.83
N ASP B 343 12.43 18.98 23.50
CA ASP B 343 12.44 19.03 24.95
C ASP B 343 11.19 18.42 25.57
N GLU B 344 10.03 18.72 24.98
CA GLU B 344 8.72 18.24 25.44
C GLU B 344 8.56 16.72 25.48
N PHE B 345 9.44 16.01 24.80
CA PHE B 345 9.43 14.55 24.77
C PHE B 345 10.06 13.93 26.03
N ILE B 346 11.03 14.63 26.61
CA ILE B 346 11.79 14.15 27.78
C ILE B 346 11.08 14.32 29.12
N THR B 347 10.46 13.25 29.58
CA THR B 347 9.72 13.23 30.83
C THR B 347 10.56 12.79 32.03
N HIS B 348 11.66 12.09 31.78
CA HIS B 348 12.54 11.63 32.86
C HIS B 348 13.98 11.71 32.40
N ARG B 349 14.89 11.91 33.35
CA ARG B 349 16.33 11.95 33.08
C ARG B 349 17.00 11.27 34.27
N MET B 350 18.01 10.45 34.01
CA MET B 350 18.72 9.75 35.08
C MET B 350 20.09 9.26 34.61
N PRO B 351 21.01 9.00 35.54
CA PRO B 351 22.36 8.52 35.20
C PRO B 351 22.34 7.13 34.58
N LEU B 352 23.41 6.80 33.85
CA LEU B 352 23.54 5.50 33.19
C LEU B 352 23.32 4.33 34.16
N GLU B 353 23.71 4.52 35.43
CA GLU B 353 23.54 3.48 36.44
C GLU B 353 22.09 3.13 36.74
N SER B 354 21.18 4.05 36.44
CA SER B 354 19.77 3.83 36.71
C SER B 354 19.02 3.24 35.53
N VAL B 355 19.78 2.74 34.56
CA VAL B 355 19.21 2.15 33.35
C VAL B 355 18.07 1.17 33.62
N ASN B 356 18.18 0.37 34.67
CA ASN B 356 17.13 -0.59 35.00
C ASN B 356 15.84 0.09 35.44
N ASP B 357 15.96 1.28 36.05
CA ASP B 357 14.80 2.05 36.47
C ASP B 357 14.11 2.61 35.24
N ALA B 358 14.91 2.99 34.25
CA ALA B 358 14.43 3.55 32.98
C ALA B 358 13.69 2.48 32.17
N ILE B 359 14.24 1.26 32.17
CA ILE B 359 13.65 0.15 31.46
C ILE B 359 12.30 -0.23 32.09
N ASP B 360 12.19 -0.10 33.41
CA ASP B 360 10.96 -0.43 34.11
C ASP B 360 9.83 0.56 33.80
N LEU B 361 10.16 1.86 33.79
CA LEU B 361 9.17 2.89 33.49
C LEU B 361 8.63 2.65 32.10
N MET B 362 9.55 2.48 31.15
CA MET B 362 9.22 2.23 29.75
C MET B 362 8.36 0.97 29.65
N LYS B 363 8.80 -0.07 30.32
CA LYS B 363 8.10 -1.35 30.31
C LYS B 363 6.65 -1.17 30.77
N HIS B 364 6.42 -0.28 31.73
CA HIS B 364 5.09 -0.05 32.26
C HIS B 364 4.38 1.16 31.65
N GLY B 365 4.89 1.67 30.54
CA GLY B 365 4.27 2.81 29.88
C GLY B 365 4.08 4.01 30.80
N LYS B 366 5.12 4.29 31.59
CA LYS B 366 5.09 5.37 32.56
C LYS B 366 5.78 6.66 32.10
N CYS B 367 6.23 6.71 30.86
CA CYS B 367 6.91 7.90 30.35
C CYS B 367 6.85 8.01 28.84
N ILE B 368 7.35 9.13 28.30
CA ILE B 368 7.41 9.31 26.85
C ILE B 368 8.84 8.84 26.59
N ARG B 369 9.81 9.68 26.93
CA ARG B 369 11.21 9.33 26.76
C ARG B 369 12.00 9.57 28.05
N THR B 370 13.02 8.75 28.25
CA THR B 370 13.92 8.88 29.39
C THR B 370 15.29 9.02 28.74
N VAL B 371 15.97 10.11 29.05
CA VAL B 371 17.30 10.36 28.53
C VAL B 371 18.31 10.13 29.65
N LEU B 372 19.34 9.34 29.37
CA LEU B 372 20.40 9.02 30.33
C LEU B 372 21.67 9.81 30.03
N SER B 373 22.43 10.11 31.08
CA SER B 373 23.72 10.81 30.96
C SER B 373 24.84 9.78 31.12
N LEU B 374 25.96 9.98 30.43
CA LEU B 374 27.08 9.04 30.49
C LEU B 374 28.41 9.70 30.89
#